data_1EVI
#
_entry.id   1EVI
#
_cell.length_a   107.73
_cell.length_b   91.37
_cell.length_c   71.24
_cell.angle_alpha   90
_cell.angle_beta   90
_cell.angle_gamma   90
#
_symmetry.space_group_name_H-M   'P 21 21 21'
#
loop_
_entity.id
_entity.type
_entity.pdbx_description
1 polymer 'D-AMINO ACID OXIDASE'
2 non-polymer 'FLAVIN-ADENINE DINUCLEOTIDE'
3 non-polymer 3,4-DIHYDRO-2H-PYRROLIUM-5-CARBOXYLATE
4 water water
#
_entity_poly.entity_id   1
_entity_poly.type   'polypeptide(L)'
_entity_poly.pdbx_seq_one_letter_code
;MRVVVIGAGVIGLSTALCIHERYHSVLQPLDVKVYADRFTPFTTTDVAAGLWQPYTSEPSNPQEANWNQQTFNYLLSHIG
SPNAANMGLTPVSGYNLFREAVPDPYWKDMVLGFRKLTPRELDMFPDYRYGWFNTSLILEGRKYLQWLTERLTERGVKFF
LRKVESFEEVARGGADVIINCTGVWAGVLQPDPLLQPGRGQIIKVDAPWLKNFIITHDLERGIYNSPYIIPGLQAVTLGG
TFQVGNWNEINNIQDHNTIWEGCCRLEPTLKDAKIVGEYTGFRPVRPQVRLEREQLRFGSSNTEVIHNYGHGGYGLTIHW
GCALEVAKLFGKVLEERNLL
;
_entity_poly.pdbx_strand_id   A,B
#
loop_
_chem_comp.id
_chem_comp.type
_chem_comp.name
_chem_comp.formula
2PC non-polymer 3,4-DIHYDRO-2H-PYRROLIUM-5-CARBOXYLATE 'C5 H7 N O2'
FAD non-polymer 'FLAVIN-ADENINE DINUCLEOTIDE' 'C27 H33 N9 O15 P2'
#
# COMPACT_ATOMS: atom_id res chain seq x y z
N MET A 1 44.09 -5.09 10.63
CA MET A 1 43.66 -4.22 11.76
C MET A 1 42.48 -4.83 12.51
N ARG A 2 42.41 -4.54 13.81
CA ARG A 2 41.33 -5.03 14.63
C ARG A 2 40.35 -3.91 14.92
N VAL A 3 39.17 -4.01 14.34
CA VAL A 3 38.12 -3.02 14.52
C VAL A 3 37.01 -3.59 15.39
N VAL A 4 36.62 -2.83 16.41
CA VAL A 4 35.55 -3.25 17.29
C VAL A 4 34.38 -2.28 17.20
N VAL A 5 33.27 -2.78 16.68
CA VAL A 5 32.06 -1.99 16.54
C VAL A 5 31.17 -2.24 17.76
N ILE A 6 30.81 -1.15 18.45
CA ILE A 6 29.97 -1.27 19.63
C ILE A 6 28.54 -0.88 19.27
N GLY A 7 27.66 -1.87 19.21
CA GLY A 7 26.26 -1.62 18.86
C GLY A 7 25.75 -2.51 17.74
N ALA A 8 24.72 -3.30 18.02
CA ALA A 8 24.14 -4.21 17.04
C ALA A 8 22.84 -3.69 16.41
N GLY A 9 22.68 -2.37 16.39
CA GLY A 9 21.50 -1.77 15.81
C GLY A 9 21.76 -1.50 14.35
N VAL A 10 20.87 -0.76 13.70
CA VAL A 10 21.05 -0.46 12.28
C VAL A 10 22.33 0.31 12.03
N ILE A 11 22.76 1.10 13.01
CA ILE A 11 23.96 1.90 12.86
C ILE A 11 25.24 1.09 13.06
N GLY A 12 25.18 0.08 13.94
CA GLY A 12 26.35 -0.75 14.17
C GLY A 12 26.62 -1.69 13.01
N LEU A 13 25.61 -2.51 12.70
CA LEU A 13 25.66 -3.47 11.61
C LEU A 13 25.91 -2.84 10.26
N SER A 14 25.22 -1.73 9.97
CA SER A 14 25.39 -1.06 8.69
C SER A 14 26.78 -0.44 8.53
N THR A 15 27.30 0.14 9.62
CA THR A 15 28.63 0.74 9.58
C THR A 15 29.69 -0.35 9.49
N ALA A 16 29.37 -1.49 10.11
CA ALA A 16 30.24 -2.66 10.13
C ALA A 16 30.38 -3.23 8.73
N LEU A 17 29.25 -3.36 8.03
CA LEU A 17 29.23 -3.88 6.67
C LEU A 17 29.85 -2.90 5.70
N CYS A 18 29.63 -1.62 5.93
CA CYS A 18 30.16 -0.60 5.06
C CYS A 18 31.68 -0.44 5.14
N ILE A 19 32.27 -0.79 6.28
CA ILE A 19 33.72 -0.68 6.45
C ILE A 19 34.39 -1.92 5.85
N HIS A 20 33.77 -3.07 6.08
CA HIS A 20 34.27 -4.35 5.58
C HIS A 20 34.29 -4.40 4.06
N GLU A 21 33.16 -4.15 3.43
CA GLU A 21 33.06 -4.15 1.96
C GLU A 21 34.02 -3.14 1.38
N ARG A 22 34.39 -2.16 2.21
CA ARG A 22 35.28 -1.08 1.83
C ARG A 22 36.76 -1.41 1.89
N TYR A 23 37.18 -2.06 2.98
CA TYR A 23 38.60 -2.36 3.17
C TYR A 23 39.01 -3.81 3.31
N HIS A 24 38.10 -4.74 3.05
CA HIS A 24 38.42 -6.17 3.18
C HIS A 24 39.38 -6.62 2.07
N SER A 25 39.32 -5.93 0.94
CA SER A 25 40.14 -6.24 -0.22
C SER A 25 41.55 -5.67 -0.13
N VAL A 26 41.73 -4.65 0.71
CA VAL A 26 43.05 -4.03 0.85
C VAL A 26 43.73 -4.28 2.19
N LEU A 27 42.97 -4.58 3.22
CA LEU A 27 43.54 -4.86 4.53
C LEU A 27 43.53 -6.35 4.78
N GLN A 28 44.72 -6.92 4.95
CA GLN A 28 44.90 -8.34 5.23
C GLN A 28 44.07 -8.74 6.47
N PRO A 29 44.67 -8.96 7.66
CA PRO A 29 43.68 -9.31 8.67
C PRO A 29 42.85 -8.08 9.02
N LEU A 30 41.55 -8.16 8.77
CA LEU A 30 40.67 -7.06 9.10
C LEU A 30 39.71 -7.67 10.10
N ASP A 31 40.20 -7.77 11.33
CA ASP A 31 39.46 -8.34 12.44
C ASP A 31 38.32 -7.42 12.87
N VAL A 32 37.14 -7.64 12.28
CA VAL A 32 35.98 -6.83 12.60
C VAL A 32 35.07 -7.69 13.49
N LYS A 33 34.60 -7.10 14.58
CA LYS A 33 33.72 -7.83 15.49
C LYS A 33 32.74 -6.84 16.11
N VAL A 34 31.57 -7.33 16.46
CA VAL A 34 30.54 -6.49 17.05
C VAL A 34 30.26 -6.86 18.50
N TYR A 35 30.17 -5.84 19.34
CA TYR A 35 29.88 -6.00 20.76
C TYR A 35 28.56 -5.33 21.06
N ALA A 36 27.62 -6.07 21.63
CA ALA A 36 26.31 -5.53 21.96
C ALA A 36 25.73 -6.30 23.13
N ASP A 37 25.06 -5.60 24.05
CA ASP A 37 24.47 -6.26 25.21
C ASP A 37 23.03 -6.73 24.98
N ARG A 38 22.53 -6.46 23.77
CA ARG A 38 21.19 -6.90 23.35
C ARG A 38 21.17 -6.85 21.83
N PHE A 39 20.62 -7.91 21.25
CA PHE A 39 20.54 -8.03 19.80
C PHE A 39 19.09 -8.04 19.37
N THR A 40 18.87 -7.90 18.06
CA THR A 40 17.54 -7.93 17.48
C THR A 40 16.84 -9.20 17.99
N PRO A 41 15.57 -9.11 18.39
CA PRO A 41 14.63 -7.98 18.44
C PRO A 41 14.60 -7.16 19.73
N PHE A 42 15.75 -6.87 20.34
CA PHE A 42 15.72 -6.11 21.59
C PHE A 42 16.44 -4.77 21.46
N THR A 43 16.60 -4.30 20.23
CA THR A 43 17.26 -3.03 19.99
C THR A 43 16.23 -1.96 19.68
N THR A 44 16.66 -0.70 19.68
CA THR A 44 15.76 0.41 19.40
C THR A 44 15.28 0.30 17.95
N THR A 45 16.19 -0.13 17.09
CA THR A 45 15.91 -0.30 15.67
C THR A 45 14.76 -1.28 15.38
N ASP A 46 14.58 -2.24 16.28
CA ASP A 46 13.52 -3.24 16.13
C ASP A 46 12.16 -2.66 16.42
N VAL A 47 12.11 -1.61 17.23
CA VAL A 47 10.87 -0.98 17.60
C VAL A 47 10.44 0.05 16.58
N ALA A 48 11.42 0.62 15.87
CA ALA A 48 11.16 1.63 14.85
C ALA A 48 10.08 1.20 13.85
N ALA A 49 9.41 2.17 13.24
CA ALA A 49 8.35 1.92 12.26
C ALA A 49 8.93 1.47 10.93
N GLY A 50 9.96 2.17 10.46
CA GLY A 50 10.58 1.81 9.21
C GLY A 50 10.50 2.83 8.09
N LEU A 51 9.65 3.83 8.26
CA LEU A 51 9.49 4.83 7.22
C LEU A 51 10.67 5.76 7.06
N TRP A 52 11.12 5.94 5.83
CA TRP A 52 12.23 6.85 5.56
C TRP A 52 11.61 8.23 5.50
N GLN A 53 11.79 9.02 6.54
CA GLN A 53 11.25 10.37 6.57
C GLN A 53 11.90 11.20 7.65
N PRO A 54 12.71 12.19 7.25
CA PRO A 54 13.40 13.08 8.20
C PRO A 54 12.34 13.98 8.84
N TYR A 55 12.78 14.87 9.72
CA TYR A 55 11.87 15.80 10.38
C TYR A 55 11.41 16.89 9.40
N THR A 56 10.31 17.56 9.72
CA THR A 56 9.78 18.61 8.85
C THR A 56 10.59 19.91 8.90
N SER A 57 11.42 20.05 9.93
CA SER A 57 12.25 21.26 10.08
C SER A 57 13.66 20.95 9.57
N GLU A 58 14.34 21.97 9.05
CA GLU A 58 15.70 21.76 8.55
C GLU A 58 16.66 21.44 9.70
N PRO A 59 17.78 20.77 9.41
CA PRO A 59 18.75 20.42 10.46
C PRO A 59 19.77 21.51 10.71
N SER A 60 20.40 21.49 11.88
CA SER A 60 21.43 22.48 12.23
C SER A 60 22.70 22.11 11.46
N ASN A 61 22.83 20.81 11.20
CA ASN A 61 23.98 20.24 10.49
C ASN A 61 23.59 19.85 9.06
N PRO A 62 24.16 20.56 8.06
CA PRO A 62 23.91 20.31 6.63
C PRO A 62 24.36 18.93 6.16
N GLN A 63 25.11 18.23 7.02
CA GLN A 63 25.60 16.90 6.72
C GLN A 63 24.48 15.89 6.79
N GLU A 64 23.53 16.13 7.67
CA GLU A 64 22.40 15.24 7.86
C GLU A 64 21.44 15.26 6.69
N ALA A 65 21.44 16.34 5.94
CA ALA A 65 20.57 16.45 4.78
C ALA A 65 21.15 15.54 3.71
N ASN A 66 22.47 15.57 3.60
CA ASN A 66 23.19 14.77 2.63
C ASN A 66 23.15 13.28 2.96
N TRP A 67 23.38 12.96 4.22
CA TRP A 67 23.37 11.56 4.64
C TRP A 67 21.98 10.96 4.43
N ASN A 68 20.95 11.78 4.57
CA ASN A 68 19.57 11.34 4.37
C ASN A 68 19.36 11.03 2.90
N GLN A 69 19.84 11.93 2.05
CA GLN A 69 19.74 11.78 0.61
C GLN A 69 20.44 10.50 0.17
N GLN A 70 21.69 10.34 0.58
CA GLN A 70 22.49 9.17 0.27
C GLN A 70 21.81 7.86 0.68
N THR A 71 21.14 7.87 1.82
CA THR A 71 20.45 6.68 2.30
C THR A 71 19.23 6.35 1.43
N PHE A 72 18.51 7.37 0.97
CA PHE A 72 17.34 7.14 0.14
C PHE A 72 17.76 6.53 -1.17
N ASN A 73 18.77 7.12 -1.79
CA ASN A 73 19.30 6.64 -3.07
C ASN A 73 19.86 5.23 -2.98
N TYR A 74 20.32 4.85 -1.80
CA TYR A 74 20.88 3.52 -1.59
C TYR A 74 19.72 2.54 -1.52
N LEU A 75 18.74 2.84 -0.69
CA LEU A 75 17.59 1.97 -0.54
C LEU A 75 16.72 1.90 -1.81
N LEU A 76 16.57 3.04 -2.48
CA LEU A 76 15.75 3.14 -3.70
C LEU A 76 16.29 2.22 -4.77
N SER A 77 17.61 2.21 -4.95
CA SER A 77 18.27 1.38 -5.95
C SER A 77 18.07 -0.12 -5.71
N HIS A 78 17.60 -0.49 -4.53
CA HIS A 78 17.32 -1.89 -4.22
C HIS A 78 15.95 -2.27 -4.78
N ILE A 79 15.18 -1.27 -5.16
CA ILE A 79 13.85 -1.49 -5.72
C ILE A 79 14.03 -1.86 -7.18
N GLY A 80 13.68 -3.09 -7.49
CA GLY A 80 13.83 -3.61 -8.84
C GLY A 80 14.60 -4.92 -8.73
N SER A 81 15.22 -5.13 -7.56
CA SER A 81 16.00 -6.33 -7.26
C SER A 81 15.11 -7.29 -6.50
N PRO A 82 15.34 -8.60 -6.64
CA PRO A 82 14.55 -9.62 -5.95
C PRO A 82 14.62 -9.66 -4.41
N ASN A 83 15.74 -9.22 -3.84
CA ASN A 83 15.90 -9.27 -2.39
C ASN A 83 15.44 -8.08 -1.56
N ALA A 84 14.90 -7.05 -2.20
CA ALA A 84 14.42 -5.86 -1.50
C ALA A 84 13.52 -6.17 -0.31
N ALA A 85 12.54 -7.06 -0.50
CA ALA A 85 11.61 -7.43 0.56
C ALA A 85 12.24 -8.26 1.67
N ASN A 86 13.25 -9.05 1.32
CA ASN A 86 13.94 -9.89 2.31
C ASN A 86 14.82 -9.02 3.21
N MET A 87 15.16 -7.83 2.73
CA MET A 87 15.94 -6.86 3.50
C MET A 87 14.99 -6.06 4.39
N GLY A 88 13.69 -6.13 4.08
CA GLY A 88 12.69 -5.39 4.82
C GLY A 88 12.38 -4.09 4.11
N LEU A 89 12.69 -4.05 2.82
CA LEU A 89 12.50 -2.87 2.01
C LEU A 89 11.36 -2.97 0.99
N THR A 90 10.50 -1.96 0.99
CA THR A 90 9.37 -1.89 0.05
C THR A 90 8.86 -0.46 -0.07
N PRO A 91 8.42 -0.05 -1.27
CA PRO A 91 7.91 1.30 -1.51
C PRO A 91 6.55 1.56 -0.86
N VAL A 92 6.38 2.74 -0.29
CA VAL A 92 5.11 3.12 0.33
C VAL A 92 4.80 4.57 0.02
N SER A 93 3.52 4.86 -0.17
CA SER A 93 3.07 6.22 -0.46
C SER A 93 2.16 6.67 0.69
N GLY A 94 2.09 7.98 0.93
CA GLY A 94 1.25 8.45 2.01
C GLY A 94 1.18 9.94 2.25
N TYR A 95 0.40 10.29 3.26
CA TYR A 95 0.14 11.68 3.63
C TYR A 95 0.84 12.17 4.87
N ASN A 96 0.90 13.49 4.95
CA ASN A 96 1.46 14.21 6.07
C ASN A 96 0.48 15.34 6.33
N LEU A 97 -0.38 15.10 7.32
CA LEU A 97 -1.44 16.03 7.68
C LEU A 97 -1.10 17.07 8.73
N PHE A 98 -1.45 18.32 8.45
CA PHE A 98 -1.23 19.42 9.37
C PHE A 98 -2.55 20.11 9.70
N ARG A 99 -2.58 20.77 10.85
CA ARG A 99 -3.76 21.48 11.29
C ARG A 99 -3.72 22.90 10.71
N GLU A 100 -2.63 23.21 10.01
CA GLU A 100 -2.45 24.53 9.40
C GLU A 100 -1.36 24.45 8.34
N ALA A 101 -1.18 25.53 7.60
CA ALA A 101 -0.16 25.57 6.56
C ALA A 101 1.23 25.63 7.17
N VAL A 102 2.19 24.96 6.53
CA VAL A 102 3.57 24.91 6.98
C VAL A 102 4.45 24.98 5.74
N PRO A 103 5.76 25.22 5.92
CA PRO A 103 6.64 25.29 4.75
C PRO A 103 7.08 23.89 4.32
N ASP A 104 7.43 23.75 3.05
CA ASP A 104 7.86 22.46 2.49
C ASP A 104 9.14 21.99 3.15
N PRO A 105 9.24 20.67 3.41
CA PRO A 105 10.41 20.06 4.04
C PRO A 105 11.59 20.08 3.05
N TYR A 106 12.79 20.34 3.57
CA TYR A 106 14.01 20.40 2.75
C TYR A 106 14.21 19.13 1.94
N TRP A 107 13.60 18.03 2.41
CA TRP A 107 13.68 16.72 1.75
C TRP A 107 12.57 16.43 0.74
N LYS A 108 11.82 17.47 0.35
CA LYS A 108 10.72 17.31 -0.60
C LYS A 108 11.18 16.76 -1.95
N ASP A 109 12.35 17.21 -2.41
CA ASP A 109 12.91 16.74 -3.68
C ASP A 109 13.63 15.41 -3.56
N MET A 110 13.87 14.98 -2.32
CA MET A 110 14.55 13.71 -2.07
C MET A 110 13.60 12.55 -2.27
N VAL A 111 12.38 12.72 -1.79
CA VAL A 111 11.35 11.70 -1.93
C VAL A 111 10.83 11.65 -3.36
N LEU A 112 9.82 10.83 -3.61
CA LEU A 112 9.24 10.69 -4.94
C LEU A 112 7.85 11.31 -5.05
N GLY A 113 7.68 12.15 -6.08
CA GLY A 113 6.41 12.81 -6.33
C GLY A 113 5.84 13.60 -5.17
N PHE A 114 6.61 14.56 -4.67
CA PHE A 114 6.14 15.40 -3.57
C PHE A 114 5.23 16.46 -4.16
N ARG A 115 4.09 16.68 -3.50
CA ARG A 115 3.10 17.68 -3.92
C ARG A 115 2.18 17.95 -2.75
N LYS A 116 1.57 19.14 -2.75
CA LYS A 116 0.66 19.52 -1.68
C LYS A 116 -0.71 18.89 -1.92
N LEU A 117 -1.38 18.50 -0.84
CA LEU A 117 -2.71 17.91 -0.95
C LEU A 117 -3.73 18.94 -1.44
N THR A 118 -4.84 18.48 -2.02
CA THR A 118 -5.87 19.39 -2.52
C THR A 118 -7.08 19.42 -1.60
N PRO A 119 -7.95 20.45 -1.72
CA PRO A 119 -9.13 20.53 -0.86
C PRO A 119 -9.97 19.28 -0.96
N ARG A 120 -9.95 18.66 -2.13
CA ARG A 120 -10.71 17.45 -2.40
C ARG A 120 -10.21 16.26 -1.60
N GLU A 121 -8.89 16.15 -1.47
CA GLU A 121 -8.25 15.06 -0.71
C GLU A 121 -8.33 15.35 0.77
N LEU A 122 -8.15 16.63 1.12
CA LEU A 122 -8.19 17.08 2.49
C LEU A 122 -9.53 16.80 3.13
N ASP A 123 -10.58 16.73 2.30
CA ASP A 123 -11.91 16.43 2.82
C ASP A 123 -11.93 15.04 3.43
N MET A 124 -11.07 14.15 2.92
CA MET A 124 -10.99 12.79 3.45
C MET A 124 -10.60 12.84 4.93
N PHE A 125 -9.81 13.85 5.27
CA PHE A 125 -9.32 14.06 6.64
C PHE A 125 -9.96 15.31 7.24
N PRO A 126 -11.12 15.14 7.89
CA PRO A 126 -11.86 16.23 8.52
C PRO A 126 -11.12 17.05 9.57
N ASP A 127 -10.18 16.42 10.27
CA ASP A 127 -9.42 17.12 11.30
C ASP A 127 -8.19 17.86 10.79
N TYR A 128 -7.89 17.70 9.51
CA TYR A 128 -6.73 18.38 8.93
C TYR A 128 -7.06 19.15 7.67
N ARG A 129 -6.53 20.38 7.58
CA ARG A 129 -6.79 21.24 6.44
C ARG A 129 -5.58 21.59 5.59
N TYR A 130 -4.50 20.84 5.76
CA TYR A 130 -3.28 21.09 4.98
C TYR A 130 -2.41 19.84 4.96
N GLY A 131 -1.41 19.81 4.09
CA GLY A 131 -0.54 18.66 4.02
C GLY A 131 0.08 18.37 2.68
N TRP A 132 0.78 17.23 2.60
CA TRP A 132 1.44 16.82 1.38
C TRP A 132 1.27 15.32 1.13
N PHE A 133 1.63 14.90 -0.09
CA PHE A 133 1.57 13.50 -0.48
C PHE A 133 2.88 13.19 -1.20
N ASN A 134 3.43 12.00 -0.93
CA ASN A 134 4.67 11.59 -1.57
C ASN A 134 4.91 10.10 -1.43
N THR A 135 5.87 9.61 -2.20
CA THR A 135 6.25 8.22 -2.20
C THR A 135 7.59 8.12 -1.45
N SER A 136 7.70 7.12 -0.60
CA SER A 136 8.90 6.90 0.20
C SER A 136 9.21 5.40 0.25
N LEU A 137 9.97 5.00 1.26
CA LEU A 137 10.36 3.61 1.41
C LEU A 137 10.21 3.17 2.85
N ILE A 138 10.02 1.87 3.04
CA ILE A 138 9.92 1.28 4.37
C ILE A 138 11.21 0.49 4.54
N LEU A 139 11.76 0.48 5.75
CA LEU A 139 12.97 -0.27 6.04
C LEU A 139 12.74 -0.91 7.39
N GLU A 140 12.02 -2.02 7.40
CA GLU A 140 11.69 -2.73 8.62
C GLU A 140 12.99 -3.06 9.37
N GLY A 141 13.24 -2.29 10.42
CA GLY A 141 14.45 -2.46 11.22
C GLY A 141 14.74 -3.87 11.69
N ARG A 142 13.71 -4.58 12.13
CA ARG A 142 13.85 -5.95 12.59
C ARG A 142 14.39 -6.83 11.46
N LYS A 143 13.67 -6.83 10.34
CA LYS A 143 14.02 -7.63 9.17
C LYS A 143 15.37 -7.22 8.57
N TYR A 144 15.66 -5.93 8.61
CA TYR A 144 16.90 -5.37 8.08
C TYR A 144 18.10 -5.78 8.92
N LEU A 145 17.88 -5.85 10.23
CA LEU A 145 18.91 -6.24 11.19
C LEU A 145 19.19 -7.74 11.05
N GLN A 146 18.15 -8.51 10.73
CA GLN A 146 18.32 -9.94 10.53
C GLN A 146 19.09 -10.14 9.22
N TRP A 147 18.95 -9.18 8.31
CA TRP A 147 19.61 -9.19 7.00
C TRP A 147 21.10 -8.80 7.06
N LEU A 148 21.40 -7.71 7.76
CA LEU A 148 22.76 -7.23 7.89
C LEU A 148 23.61 -8.24 8.68
N THR A 149 22.98 -8.87 9.67
CA THR A 149 23.63 -9.87 10.52
C THR A 149 24.15 -11.04 9.68
N GLU A 150 23.22 -11.71 9.00
CA GLU A 150 23.50 -12.85 8.12
C GLU A 150 24.52 -12.46 7.04
N ARG A 151 24.40 -11.24 6.55
CA ARG A 151 25.30 -10.72 5.53
C ARG A 151 26.70 -10.60 6.10
N LEU A 152 26.80 -9.99 7.28
CA LEU A 152 28.09 -9.79 7.96
C LEU A 152 28.64 -11.13 8.42
N THR A 153 27.75 -12.03 8.80
CA THR A 153 28.15 -13.34 9.27
C THR A 153 28.95 -13.98 8.15
N GLU A 154 28.35 -14.07 6.97
CA GLU A 154 29.04 -14.67 5.83
C GLU A 154 30.29 -13.89 5.41
N ARG A 155 30.39 -12.63 5.81
CA ARG A 155 31.54 -11.77 5.49
C ARG A 155 32.76 -12.06 6.38
N GLY A 156 32.54 -12.74 7.51
CA GLY A 156 33.64 -13.06 8.41
C GLY A 156 33.58 -12.40 9.79
N VAL A 157 32.78 -11.33 9.90
CA VAL A 157 32.62 -10.59 11.15
C VAL A 157 31.98 -11.44 12.25
N LYS A 158 32.51 -11.34 13.46
CA LYS A 158 31.98 -12.10 14.59
C LYS A 158 31.17 -11.19 15.51
N PHE A 159 30.17 -11.77 16.18
CA PHE A 159 29.30 -11.02 17.08
C PHE A 159 29.39 -11.51 18.52
N PHE A 160 29.57 -10.58 19.45
CA PHE A 160 29.72 -10.93 20.86
C PHE A 160 28.75 -10.21 21.80
N LEU A 161 27.98 -11.01 22.54
CA LEU A 161 27.01 -10.49 23.51
C LEU A 161 27.82 -10.09 24.74
N ARG A 162 28.20 -8.82 24.80
CA ARG A 162 28.99 -8.31 25.90
C ARG A 162 28.71 -6.85 26.15
N LYS A 163 28.34 -6.51 27.38
CA LYS A 163 28.09 -5.11 27.71
C LYS A 163 29.40 -4.39 27.99
N VAL A 164 29.82 -3.56 27.06
CA VAL A 164 31.06 -2.80 27.22
C VAL A 164 30.93 -1.80 28.36
N GLU A 165 31.84 -1.90 29.33
CA GLU A 165 31.84 -1.03 30.49
C GLU A 165 32.61 0.28 30.23
N SER A 166 33.55 0.23 29.29
CA SER A 166 34.36 1.40 28.91
C SER A 166 35.12 1.16 27.61
N PHE A 167 35.47 2.22 26.90
CA PHE A 167 36.23 2.09 25.67
C PHE A 167 37.56 1.45 26.02
N GLU A 168 38.04 1.77 27.22
CA GLU A 168 39.30 1.27 27.79
C GLU A 168 39.42 -0.25 27.70
N GLU A 169 38.47 -0.96 28.33
CA GLU A 169 38.49 -2.41 28.32
C GLU A 169 38.61 -2.98 26.92
N VAL A 170 38.06 -2.25 25.95
CA VAL A 170 38.09 -2.66 24.55
C VAL A 170 39.42 -2.25 23.91
N ALA A 171 39.85 -1.02 24.20
CA ALA A 171 41.08 -0.45 23.65
C ALA A 171 42.29 -1.24 24.10
N ARG A 172 42.21 -1.78 25.31
CA ARG A 172 43.28 -2.58 25.88
C ARG A 172 43.11 -4.05 25.49
N GLY A 173 41.92 -4.38 25.00
CA GLY A 173 41.63 -5.75 24.58
C GLY A 173 42.08 -6.09 23.17
N GLY A 174 42.81 -5.19 22.54
CA GLY A 174 43.30 -5.44 21.18
C GLY A 174 42.60 -4.67 20.08
N ALA A 175 41.81 -3.66 20.45
CA ALA A 175 41.09 -2.85 19.47
C ALA A 175 41.95 -1.70 18.95
N ASP A 176 42.30 -1.75 17.67
CA ASP A 176 43.11 -0.70 17.08
C ASP A 176 42.19 0.48 16.79
N VAL A 177 40.94 0.16 16.47
CA VAL A 177 39.91 1.15 16.17
C VAL A 177 38.56 0.70 16.74
N ILE A 178 37.85 1.63 17.38
CA ILE A 178 36.54 1.38 17.98
C ILE A 178 35.52 2.26 17.25
N ILE A 179 34.34 1.72 16.96
CA ILE A 179 33.29 2.50 16.31
C ILE A 179 32.12 2.56 17.31
N ASN A 180 31.86 3.76 17.84
CA ASN A 180 30.81 3.97 18.83
C ASN A 180 29.42 4.17 18.23
N CYS A 181 28.62 3.11 18.29
CA CYS A 181 27.26 3.11 17.76
C CYS A 181 26.36 2.51 18.85
N THR A 182 26.41 3.13 20.02
CA THR A 182 25.66 2.68 21.20
C THR A 182 24.24 3.24 21.37
N GLY A 183 23.82 4.12 20.48
CA GLY A 183 22.49 4.68 20.57
C GLY A 183 22.27 5.72 21.64
N VAL A 184 21.23 5.53 22.45
CA VAL A 184 20.87 6.47 23.52
C VAL A 184 21.59 6.18 24.84
N TRP A 185 22.25 5.02 24.91
CA TRP A 185 23.00 4.60 26.08
C TRP A 185 24.48 4.95 25.88
N ALA A 186 24.78 5.68 24.82
CA ALA A 186 26.15 6.09 24.52
C ALA A 186 26.78 6.88 25.66
N GLY A 187 25.94 7.62 26.40
CA GLY A 187 26.40 8.44 27.50
C GLY A 187 27.21 7.71 28.55
N VAL A 188 26.95 6.42 28.73
CA VAL A 188 27.68 5.62 29.71
C VAL A 188 29.17 5.59 29.40
N LEU A 189 29.52 5.01 28.26
CA LEU A 189 30.92 4.92 27.85
C LEU A 189 31.57 6.28 27.73
N GLN A 190 30.74 7.31 27.59
CA GLN A 190 31.20 8.69 27.48
C GLN A 190 29.99 9.62 27.56
N PRO A 191 29.84 10.30 28.71
CA PRO A 191 28.76 11.25 29.03
C PRO A 191 28.40 12.18 27.89
N ASP A 192 27.11 12.40 27.70
CA ASP A 192 26.65 13.30 26.67
C ASP A 192 25.38 14.02 27.09
N PRO A 193 25.51 15.29 27.49
CA PRO A 193 24.38 16.12 27.94
C PRO A 193 23.37 16.32 26.81
N LEU A 194 23.89 16.47 25.59
CA LEU A 194 23.06 16.66 24.41
C LEU A 194 22.22 15.44 24.06
N LEU A 195 22.73 14.25 24.38
CA LEU A 195 22.04 12.99 24.12
C LEU A 195 21.00 12.69 25.18
N GLN A 196 19.75 12.56 24.75
CA GLN A 196 18.63 12.28 25.65
C GLN A 196 17.68 11.32 24.95
N PRO A 197 16.89 10.54 25.72
CA PRO A 197 15.96 9.61 25.10
C PRO A 197 14.70 10.31 24.57
N GLY A 198 14.15 9.76 23.49
CA GLY A 198 12.95 10.30 22.91
C GLY A 198 11.98 9.15 22.94
N ARG A 199 11.64 8.71 24.15
CA ARG A 199 10.74 7.58 24.35
C ARG A 199 9.55 7.55 23.40
N GLY A 200 9.25 6.35 22.92
CA GLY A 200 8.13 6.20 22.01
C GLY A 200 7.47 4.86 22.19
N GLN A 201 6.15 4.85 22.04
CA GLN A 201 5.39 3.63 22.15
C GLN A 201 4.67 3.47 20.81
N ILE A 202 4.47 2.23 20.38
CA ILE A 202 3.80 1.98 19.10
C ILE A 202 2.86 0.82 19.27
N ILE A 203 1.92 0.68 18.34
CA ILE A 203 0.97 -0.41 18.38
C ILE A 203 0.94 -1.11 17.03
N LYS A 204 1.51 -2.32 17.01
CA LYS A 204 1.53 -3.15 15.82
C LYS A 204 0.14 -3.76 15.74
N VAL A 205 -0.41 -3.81 14.54
CA VAL A 205 -1.75 -4.33 14.38
C VAL A 205 -1.98 -4.93 13.00
N ASP A 206 -2.88 -5.90 12.93
CA ASP A 206 -3.21 -6.55 11.67
C ASP A 206 -4.29 -5.80 10.90
N ALA A 207 -3.84 -4.95 9.98
CA ALA A 207 -4.74 -4.16 9.15
C ALA A 207 -4.13 -4.13 7.77
N PRO A 208 -4.01 -5.31 7.12
CA PRO A 208 -3.45 -5.49 5.77
C PRO A 208 -4.11 -4.70 4.66
N TRP A 209 -5.38 -4.32 4.84
CA TRP A 209 -6.08 -3.55 3.83
C TRP A 209 -5.50 -2.15 3.69
N LEU A 210 -4.84 -1.66 4.75
CA LEU A 210 -4.23 -0.33 4.73
C LEU A 210 -2.94 -0.33 3.93
N LYS A 211 -2.94 0.39 2.82
CA LYS A 211 -1.79 0.47 1.93
C LYS A 211 -0.94 1.71 2.08
N ASN A 212 -1.58 2.83 2.39
CA ASN A 212 -0.88 4.11 2.52
C ASN A 212 -0.53 4.48 3.96
N PHE A 213 0.45 5.36 4.11
CA PHE A 213 0.84 5.82 5.42
C PHE A 213 0.24 7.20 5.65
N ILE A 214 -0.28 7.43 6.86
CA ILE A 214 -0.83 8.74 7.21
C ILE A 214 -0.07 9.24 8.42
N ILE A 215 0.58 10.38 8.29
CA ILE A 215 1.32 10.94 9.39
C ILE A 215 0.77 12.32 9.72
N THR A 216 0.06 12.41 10.84
CA THR A 216 -0.54 13.67 11.28
C THR A 216 0.46 14.42 12.15
N HIS A 217 0.35 15.75 12.14
CA HIS A 217 1.24 16.59 12.91
C HIS A 217 0.48 17.60 13.80
N ASP A 218 0.93 17.71 15.04
CA ASP A 218 0.36 18.65 15.99
C ASP A 218 1.54 19.54 16.31
N LEU A 219 1.59 20.70 15.67
CA LEU A 219 2.70 21.64 15.85
C LEU A 219 3.00 22.04 17.28
N GLU A 220 1.99 21.98 18.15
CA GLU A 220 2.15 22.34 19.56
C GLU A 220 2.76 21.24 20.42
N ARG A 221 2.41 19.99 20.13
CA ARG A 221 2.92 18.89 20.93
C ARG A 221 4.24 18.30 20.46
N GLY A 222 4.77 18.81 19.36
CA GLY A 222 6.03 18.33 18.84
C GLY A 222 5.93 17.17 17.86
N ILE A 223 7.04 16.90 17.17
CA ILE A 223 7.10 15.83 16.18
C ILE A 223 6.75 14.46 16.77
N TYR A 224 5.88 13.75 16.08
CA TYR A 224 5.45 12.40 16.46
C TYR A 224 4.66 12.30 17.75
N ASN A 225 4.15 13.44 18.20
CA ASN A 225 3.29 13.51 19.38
C ASN A 225 1.91 13.77 18.81
N SER A 226 1.56 12.95 17.83
CA SER A 226 0.29 13.02 17.11
C SER A 226 0.18 11.65 16.46
N PRO A 227 -1.04 11.17 16.24
CA PRO A 227 -1.18 9.85 15.62
C PRO A 227 -0.59 9.68 14.22
N TYR A 228 -0.10 8.48 13.97
CA TYR A 228 0.44 8.14 12.66
C TYR A 228 0.23 6.66 12.38
N ILE A 229 -0.12 6.36 11.14
CA ILE A 229 -0.38 4.99 10.70
C ILE A 229 0.63 4.67 9.60
N ILE A 230 1.58 3.79 9.90
CA ILE A 230 2.59 3.41 8.93
C ILE A 230 2.52 1.92 8.69
N PRO A 231 2.03 1.50 7.52
CA PRO A 231 1.97 0.06 7.26
C PRO A 231 3.36 -0.49 6.95
N GLY A 232 3.64 -1.71 7.36
CA GLY A 232 4.94 -2.30 7.11
C GLY A 232 4.84 -3.52 6.22
N LEU A 233 5.78 -4.44 6.38
CA LEU A 233 5.80 -5.64 5.58
C LEU A 233 4.70 -6.62 5.94
N GLN A 234 4.73 -7.13 7.16
CA GLN A 234 3.72 -8.09 7.61
C GLN A 234 2.64 -7.51 8.52
N ALA A 235 2.78 -6.26 8.92
CA ALA A 235 1.80 -5.64 9.82
C ALA A 235 1.75 -4.12 9.69
N VAL A 236 0.91 -3.50 10.52
CA VAL A 236 0.74 -2.03 10.52
C VAL A 236 1.13 -1.40 11.85
N THR A 237 1.94 -0.35 11.77
CA THR A 237 2.41 0.38 12.95
C THR A 237 1.61 1.63 13.27
N LEU A 238 1.03 1.65 14.46
CA LEU A 238 0.25 2.78 14.96
C LEU A 238 1.09 3.53 16.00
N GLY A 239 1.29 4.83 15.83
CA GLY A 239 2.10 5.56 16.79
C GLY A 239 1.63 6.95 17.14
N GLY A 240 2.39 7.64 17.98
CA GLY A 240 2.02 8.98 18.37
C GLY A 240 2.59 9.52 19.67
N THR A 241 3.77 9.05 20.09
CA THR A 241 4.38 9.56 21.33
C THR A 241 5.88 9.83 21.17
N PHE A 242 6.31 10.98 21.68
CA PHE A 242 7.72 11.38 21.61
C PHE A 242 8.04 12.16 22.89
N GLN A 243 8.26 11.41 23.97
CA GLN A 243 8.55 12.00 25.28
C GLN A 243 10.04 11.97 25.63
N VAL A 244 10.73 13.09 25.42
CA VAL A 244 12.16 13.18 25.75
C VAL A 244 12.41 13.31 27.26
N GLY A 245 13.52 12.75 27.72
CA GLY A 245 13.86 12.78 29.14
C GLY A 245 13.21 11.62 29.87
N ASN A 246 12.32 10.90 29.20
CA ASN A 246 11.64 9.75 29.80
C ASN A 246 12.43 8.46 29.54
N TRP A 247 12.87 7.82 30.62
CA TRP A 247 13.65 6.57 30.55
C TRP A 247 12.84 5.35 30.91
N ASN A 248 11.53 5.52 31.08
CA ASN A 248 10.66 4.41 31.43
C ASN A 248 10.54 3.46 30.25
N GLU A 249 11.01 2.23 30.46
CA GLU A 249 10.97 1.20 29.43
C GLU A 249 9.71 0.33 29.51
N ILE A 250 8.72 0.81 30.25
CA ILE A 250 7.46 0.08 30.41
C ILE A 250 6.34 0.74 29.59
N ASN A 251 5.48 -0.11 29.02
CA ASN A 251 4.34 0.36 28.23
C ASN A 251 3.28 0.85 29.18
N ASN A 252 2.89 2.11 29.09
CA ASN A 252 1.83 2.63 29.97
C ASN A 252 0.47 2.63 29.27
N ILE A 253 -0.60 2.66 30.07
CA ILE A 253 -1.95 2.64 29.52
C ILE A 253 -2.36 3.97 28.89
N GLN A 254 -1.84 5.05 29.45
CA GLN A 254 -2.12 6.39 28.96
C GLN A 254 -1.79 6.48 27.47
N ASP A 255 -0.53 6.21 27.14
CA ASP A 255 -0.06 6.26 25.75
C ASP A 255 -0.77 5.27 24.85
N HIS A 256 -1.23 4.16 25.42
CA HIS A 256 -1.95 3.17 24.66
C HIS A 256 -3.21 3.85 24.11
N ASN A 257 -3.90 4.55 24.99
CA ASN A 257 -5.12 5.26 24.63
C ASN A 257 -4.86 6.36 23.61
N THR A 258 -3.79 7.12 23.81
CA THR A 258 -3.42 8.21 22.90
C THR A 258 -3.33 7.73 21.46
N ILE A 259 -2.57 6.65 21.29
CA ILE A 259 -2.32 6.03 20.00
C ILE A 259 -3.59 5.41 19.42
N TRP A 260 -4.17 4.45 20.14
CA TRP A 260 -5.38 3.78 19.70
C TRP A 260 -6.51 4.73 19.31
N GLU A 261 -7.02 5.47 20.28
CA GLU A 261 -8.10 6.43 20.05
C GLU A 261 -7.82 7.41 18.90
N GLY A 262 -6.59 7.94 18.86
CA GLY A 262 -6.23 8.87 17.80
C GLY A 262 -6.26 8.24 16.42
N CYS A 263 -5.55 7.13 16.28
CA CYS A 263 -5.47 6.41 15.03
C CYS A 263 -6.82 5.87 14.58
N CYS A 264 -7.62 5.41 15.53
CA CYS A 264 -8.93 4.87 15.22
C CYS A 264 -9.88 5.99 14.78
N ARG A 265 -9.51 7.23 15.07
CA ARG A 265 -10.32 8.39 14.69
C ARG A 265 -9.83 8.86 13.33
N LEU A 266 -8.56 8.58 13.05
CA LEU A 266 -7.94 8.94 11.78
C LEU A 266 -8.44 7.92 10.75
N GLU A 267 -8.31 6.65 11.12
CA GLU A 267 -8.67 5.53 10.28
C GLU A 267 -9.60 4.57 11.02
N PRO A 268 -10.92 4.84 10.96
CA PRO A 268 -12.00 4.10 11.58
C PRO A 268 -12.05 2.60 11.29
N THR A 269 -11.40 2.17 10.21
CA THR A 269 -11.39 0.74 9.89
C THR A 269 -10.58 -0.02 10.95
N LEU A 270 -9.79 0.74 11.73
CA LEU A 270 -8.94 0.21 12.81
C LEU A 270 -9.74 -0.52 13.89
N LYS A 271 -11.06 -0.40 13.84
CA LYS A 271 -11.92 -1.06 14.83
C LYS A 271 -11.87 -2.57 14.69
N ASP A 272 -11.56 -3.03 13.47
CA ASP A 272 -11.48 -4.47 13.17
C ASP A 272 -10.03 -4.98 13.24
N ALA A 273 -9.08 -4.06 13.38
CA ALA A 273 -7.66 -4.40 13.43
C ALA A 273 -7.29 -5.09 14.75
N LYS A 274 -6.83 -6.34 14.63
CA LYS A 274 -6.43 -7.15 15.77
C LYS A 274 -4.98 -6.81 16.13
N ILE A 275 -4.78 -6.25 17.32
CA ILE A 275 -3.43 -5.87 17.77
C ILE A 275 -2.48 -7.05 17.88
N VAL A 276 -1.30 -6.90 17.28
CA VAL A 276 -0.29 -7.95 17.30
C VAL A 276 0.71 -7.73 18.42
N GLY A 277 0.93 -6.47 18.78
CA GLY A 277 1.85 -6.15 19.86
C GLY A 277 1.84 -4.69 20.21
N GLU A 278 2.64 -4.32 21.23
CA GLU A 278 2.76 -2.94 21.68
C GLU A 278 4.18 -2.75 22.23
N TYR A 279 4.91 -1.79 21.66
CA TYR A 279 6.30 -1.57 22.03
C TYR A 279 6.70 -0.18 22.47
N THR A 280 7.83 -0.13 23.20
CA THR A 280 8.41 1.11 23.72
C THR A 280 9.91 1.13 23.48
N GLY A 281 10.41 2.23 22.92
CA GLY A 281 11.83 2.35 22.68
C GLY A 281 12.28 3.76 22.98
N PHE A 282 13.59 4.02 22.93
CA PHE A 282 14.13 5.33 23.22
C PHE A 282 14.92 5.88 22.04
N ARG A 283 14.42 6.95 21.43
CA ARG A 283 15.10 7.57 20.29
C ARG A 283 16.34 8.34 20.77
N PRO A 284 17.50 8.12 20.12
CA PRO A 284 18.75 8.79 20.49
C PRO A 284 18.69 10.28 20.15
N VAL A 285 17.97 11.05 20.97
CA VAL A 285 17.81 12.49 20.73
C VAL A 285 19.09 13.29 20.95
N ARG A 286 19.47 14.07 19.95
CA ARG A 286 20.64 14.91 20.00
C ARG A 286 20.45 16.03 18.99
N PRO A 287 20.81 17.27 19.36
CA PRO A 287 20.69 18.44 18.48
C PRO A 287 21.19 18.13 17.07
N GLN A 288 22.20 17.27 17.00
CA GLN A 288 22.78 16.83 15.75
C GLN A 288 23.52 15.52 15.96
N VAL A 289 23.50 14.66 14.95
CA VAL A 289 24.16 13.36 15.00
C VAL A 289 25.63 13.52 15.27
N ARG A 290 26.15 12.77 16.23
CA ARG A 290 27.59 12.81 16.53
C ARG A 290 28.29 11.75 15.69
N LEU A 291 29.05 12.21 14.70
CA LEU A 291 29.79 11.32 13.83
C LEU A 291 31.14 11.98 13.62
N GLU A 292 32.13 11.53 14.38
CA GLU A 292 33.47 12.11 14.32
C GLU A 292 34.48 11.20 15.01
N ARG A 293 35.74 11.46 14.74
CA ARG A 293 36.82 10.67 15.34
C ARG A 293 37.23 11.21 16.72
N GLU A 294 37.99 10.39 17.45
CA GLU A 294 38.49 10.76 18.75
C GLU A 294 39.60 9.79 19.16
N GLN A 295 40.82 10.31 19.20
CA GLN A 295 42.00 9.53 19.57
C GLN A 295 41.98 9.37 21.08
N LEU A 296 42.33 8.17 21.57
CA LEU A 296 42.32 7.92 23.00
C LEU A 296 43.50 7.05 23.45
N ARG A 297 44.50 7.69 24.05
CA ARG A 297 45.68 6.97 24.54
C ARG A 297 45.41 6.33 25.90
N PHE A 298 45.74 5.04 26.00
CA PHE A 298 45.55 4.31 27.25
C PHE A 298 46.89 3.68 27.65
N GLY A 299 47.90 4.54 27.80
CA GLY A 299 49.22 4.10 28.15
C GLY A 299 49.89 3.51 26.92
N SER A 300 50.30 4.38 26.00
CA SER A 300 50.93 3.99 24.72
C SER A 300 49.94 3.39 23.73
N SER A 301 48.78 2.96 24.23
CA SER A 301 47.74 2.37 23.42
C SER A 301 46.79 3.44 22.87
N ASN A 302 47.22 4.07 21.79
CA ASN A 302 46.43 5.10 21.14
C ASN A 302 45.33 4.46 20.31
N THR A 303 44.16 4.33 20.92
CA THR A 303 43.00 3.72 20.26
C THR A 303 42.13 4.79 19.58
N GLU A 304 42.03 4.71 18.25
CA GLU A 304 41.23 5.64 17.48
C GLU A 304 39.75 5.30 17.70
N VAL A 305 38.93 6.32 17.87
CA VAL A 305 37.49 6.10 18.09
C VAL A 305 36.65 6.89 17.10
N ILE A 306 35.58 6.27 16.61
CA ILE A 306 34.68 6.95 15.68
C ILE A 306 33.25 6.82 16.17
N HIS A 307 32.70 7.93 16.64
CA HIS A 307 31.33 7.98 17.13
C HIS A 307 30.28 8.08 16.01
N ASN A 308 29.15 7.40 16.22
CA ASN A 308 28.03 7.42 15.28
C ASN A 308 26.79 7.18 16.11
N TYR A 309 26.21 8.26 16.63
CA TYR A 309 25.02 8.13 17.45
C TYR A 309 24.22 9.42 17.56
N GLY A 310 23.04 9.31 18.17
CA GLY A 310 22.17 10.47 18.33
C GLY A 310 21.42 10.74 17.05
N HIS A 311 20.76 9.70 16.55
CA HIS A 311 20.00 9.75 15.30
C HIS A 311 18.51 10.00 15.54
N GLY A 312 18.10 10.06 16.80
CA GLY A 312 16.71 10.30 17.14
C GLY A 312 15.66 9.46 16.45
N GLY A 313 14.79 10.13 15.69
CA GLY A 313 13.71 9.45 15.00
C GLY A 313 13.92 9.24 13.51
N TYR A 314 15.16 9.40 13.07
CA TYR A 314 15.49 9.22 11.66
C TYR A 314 16.70 8.29 11.49
N GLY A 315 16.76 7.26 12.32
CA GLY A 315 17.86 6.32 12.27
C GLY A 315 17.83 5.51 10.99
N LEU A 316 16.73 4.81 10.77
CA LEU A 316 16.58 4.01 9.56
C LEU A 316 16.69 4.93 8.34
N THR A 317 16.22 6.16 8.50
CA THR A 317 16.24 7.15 7.45
C THR A 317 17.62 7.69 7.10
N ILE A 318 18.55 7.64 8.03
CA ILE A 318 19.87 8.20 7.74
C ILE A 318 21.06 7.26 7.92
N HIS A 319 20.80 6.02 8.35
CA HIS A 319 21.86 5.06 8.61
C HIS A 319 22.99 4.96 7.58
N TRP A 320 22.64 4.64 6.33
CA TRP A 320 23.65 4.47 5.28
C TRP A 320 24.55 5.67 4.99
N GLY A 321 23.99 6.88 5.10
CA GLY A 321 24.78 8.08 4.85
C GLY A 321 25.79 8.32 5.94
N CYS A 322 25.49 7.81 7.14
CA CYS A 322 26.36 7.93 8.29
C CYS A 322 27.43 6.86 8.24
N ALA A 323 26.99 5.61 7.99
CA ALA A 323 27.89 4.47 7.90
C ALA A 323 28.94 4.70 6.81
N LEU A 324 28.51 5.30 5.71
CA LEU A 324 29.39 5.58 4.60
C LEU A 324 30.45 6.62 4.99
N GLU A 325 30.09 7.48 5.94
CA GLU A 325 30.98 8.53 6.43
C GLU A 325 32.04 7.96 7.37
N VAL A 326 31.65 6.96 8.16
CA VAL A 326 32.57 6.33 9.08
C VAL A 326 33.67 5.67 8.26
N ALA A 327 33.30 4.79 7.33
CA ALA A 327 34.27 4.10 6.47
C ALA A 327 35.26 5.07 5.82
N LYS A 328 34.88 6.34 5.69
CA LYS A 328 35.76 7.36 5.11
C LYS A 328 36.76 7.80 6.16
N LEU A 329 36.25 8.07 7.37
CA LEU A 329 37.09 8.50 8.48
C LEU A 329 38.07 7.38 8.81
N PHE A 330 37.58 6.16 8.76
CA PHE A 330 38.35 4.94 9.02
C PHE A 330 39.46 4.86 7.97
N GLY A 331 39.20 5.43 6.79
CA GLY A 331 40.18 5.43 5.73
C GLY A 331 41.34 6.36 6.04
N LYS A 332 41.06 7.42 6.81
CA LYS A 332 42.08 8.37 7.20
C LYS A 332 42.97 7.75 8.27
N VAL A 333 42.35 7.03 9.20
CA VAL A 333 43.07 6.34 10.29
C VAL A 333 44.13 5.42 9.69
N LEU A 334 43.69 4.54 8.79
CA LEU A 334 44.54 3.58 8.10
C LEU A 334 45.75 4.20 7.39
N GLU A 335 45.52 5.18 6.55
CA GLU A 335 46.61 5.81 5.83
C GLU A 335 47.51 6.69 6.69
N GLU A 336 46.97 7.24 7.78
CA GLU A 336 47.78 8.07 8.67
C GLU A 336 48.64 7.15 9.52
N ARG A 337 48.37 5.86 9.45
CA ARG A 337 49.12 4.83 10.17
C ARG A 337 50.01 4.09 9.16
N ASN A 338 50.02 4.55 7.91
CA ASN A 338 50.79 3.93 6.84
C ASN A 338 50.44 2.45 6.60
N LEU A 339 49.19 2.10 6.84
CA LEU A 339 48.70 0.73 6.64
C LEU A 339 48.12 0.57 5.24
N LEU A 340 48.21 1.63 4.44
CA LEU A 340 47.69 1.63 3.08
C LEU A 340 48.77 2.07 2.09
N MET B 1 -44.89 -2.86 -5.97
CA MET B 1 -44.61 -3.50 -7.27
C MET B 1 -43.76 -4.76 -7.11
N ARG B 2 -43.67 -5.55 -8.16
CA ARG B 2 -42.88 -6.77 -8.14
C ARG B 2 -41.70 -6.63 -9.09
N VAL B 3 -40.51 -6.49 -8.51
CA VAL B 3 -39.28 -6.34 -9.28
C VAL B 3 -38.49 -7.65 -9.29
N VAL B 4 -37.96 -8.01 -10.46
CA VAL B 4 -37.16 -9.23 -10.57
C VAL B 4 -35.81 -8.91 -11.21
N VAL B 5 -34.76 -9.05 -10.42
CA VAL B 5 -33.39 -8.80 -10.87
C VAL B 5 -32.73 -10.12 -11.22
N ILE B 6 -32.12 -10.18 -12.38
CA ILE B 6 -31.42 -11.39 -12.81
C ILE B 6 -29.94 -11.06 -12.83
N GLY B 7 -29.21 -11.65 -11.89
CA GLY B 7 -27.79 -11.41 -11.80
C GLY B 7 -27.37 -11.07 -10.40
N ALA B 8 -26.40 -11.83 -9.88
CA ALA B 8 -25.88 -11.62 -8.52
C ALA B 8 -24.44 -11.09 -8.52
N GLY B 9 -24.07 -10.40 -9.59
CA GLY B 9 -22.74 -9.84 -9.68
C GLY B 9 -22.81 -8.47 -9.04
N VAL B 10 -21.84 -7.62 -9.32
CA VAL B 10 -21.86 -6.29 -8.72
C VAL B 10 -23.00 -5.47 -9.31
N ILE B 11 -23.26 -5.64 -10.60
CA ILE B 11 -24.33 -4.91 -11.28
C ILE B 11 -25.70 -5.36 -10.80
N GLY B 12 -25.85 -6.66 -10.53
CA GLY B 12 -27.12 -7.14 -10.07
C GLY B 12 -27.49 -6.63 -8.68
N LEU B 13 -26.62 -6.91 -7.71
CA LEU B 13 -26.85 -6.53 -6.33
C LEU B 13 -26.80 -5.02 -6.07
N SER B 14 -25.95 -4.31 -6.79
CA SER B 14 -25.84 -2.87 -6.59
C SER B 14 -27.09 -2.20 -7.14
N THR B 15 -27.57 -2.66 -8.29
CA THR B 15 -28.76 -2.10 -8.90
C THR B 15 -29.99 -2.44 -8.09
N ALA B 16 -30.01 -3.64 -7.51
CA ALA B 16 -31.14 -4.05 -6.69
C ALA B 16 -31.24 -3.13 -5.48
N LEU B 17 -30.10 -2.88 -4.82
CA LEU B 17 -30.04 -2.03 -3.63
C LEU B 17 -30.43 -0.60 -3.96
N CYS B 18 -29.83 -0.07 -5.00
CA CYS B 18 -30.09 1.29 -5.43
C CYS B 18 -31.59 1.52 -5.71
N ILE B 19 -32.26 0.50 -6.22
CA ILE B 19 -33.69 0.59 -6.55
C ILE B 19 -34.50 0.59 -5.27
N HIS B 20 -34.17 -0.31 -4.36
CA HIS B 20 -34.88 -0.42 -3.10
C HIS B 20 -34.75 0.83 -2.23
N GLU B 21 -33.53 1.33 -2.09
CA GLU B 21 -33.25 2.51 -1.27
C GLU B 21 -34.00 3.71 -1.80
N ARG B 22 -34.24 3.70 -3.10
CA ARG B 22 -34.93 4.80 -3.77
C ARG B 22 -36.43 4.80 -3.67
N TYR B 23 -37.06 3.63 -3.83
CA TYR B 23 -38.52 3.56 -3.82
C TYR B 23 -39.18 2.63 -2.82
N HIS B 24 -38.51 2.31 -1.73
CA HIS B 24 -39.10 1.44 -0.73
C HIS B 24 -40.09 2.20 0.14
N SER B 25 -39.85 3.50 0.28
CA SER B 25 -40.69 4.38 1.10
C SER B 25 -41.94 4.85 0.38
N VAL B 26 -41.85 5.04 -0.93
CA VAL B 26 -42.98 5.51 -1.73
C VAL B 26 -43.82 4.32 -2.18
N LEU B 27 -43.18 3.17 -2.38
CA LEU B 27 -43.86 1.96 -2.81
C LEU B 27 -44.03 0.96 -1.70
N GLN B 28 -45.29 0.60 -1.49
CA GLN B 28 -45.74 -0.40 -0.50
C GLN B 28 -45.11 -1.77 -0.80
N PRO B 29 -45.89 -2.83 -1.16
CA PRO B 29 -45.08 -4.02 -1.40
C PRO B 29 -44.14 -3.85 -2.61
N LEU B 30 -42.85 -3.76 -2.32
CA LEU B 30 -41.82 -3.64 -3.34
C LEU B 30 -41.09 -4.96 -3.32
N ASP B 31 -41.69 -5.97 -3.95
CA ASP B 31 -41.14 -7.32 -4.02
C ASP B 31 -39.95 -7.42 -4.96
N VAL B 32 -38.76 -7.10 -4.45
CA VAL B 32 -37.54 -7.20 -5.23
C VAL B 32 -36.93 -8.55 -4.90
N LYS B 33 -36.66 -9.35 -5.92
CA LYS B 33 -36.04 -10.65 -5.70
C LYS B 33 -34.91 -10.85 -6.70
N VAL B 34 -33.87 -11.56 -6.28
CA VAL B 34 -32.75 -11.78 -7.17
C VAL B 34 -32.69 -13.21 -7.68
N TYR B 35 -32.46 -13.35 -8.98
CA TYR B 35 -32.38 -14.64 -9.65
C TYR B 35 -31.01 -14.79 -10.29
N ALA B 36 -30.28 -15.82 -9.91
CA ALA B 36 -28.96 -16.07 -10.47
C ALA B 36 -28.66 -17.55 -10.48
N ASP B 37 -27.93 -18.00 -11.50
CA ASP B 37 -27.57 -19.41 -11.58
C ASP B 37 -26.27 -19.70 -10.83
N ARG B 38 -25.62 -18.63 -10.36
CA ARG B 38 -24.39 -18.73 -9.57
C ARG B 38 -24.13 -17.42 -8.81
N PHE B 39 -24.00 -17.53 -7.49
CA PHE B 39 -23.72 -16.37 -6.64
C PHE B 39 -22.25 -16.37 -6.25
N THR B 40 -21.84 -15.32 -5.54
CA THR B 40 -20.48 -15.16 -5.03
C THR B 40 -20.07 -16.36 -4.18
N PRO B 41 -18.81 -16.80 -4.28
CA PRO B 41 -17.71 -16.28 -5.10
C PRO B 41 -17.61 -16.85 -6.52
N PHE B 42 -18.74 -17.29 -7.06
CA PHE B 42 -18.75 -17.89 -8.39
C PHE B 42 -19.00 -16.96 -9.58
N THR B 43 -19.00 -15.65 -9.35
CA THR B 43 -19.23 -14.69 -10.42
C THR B 43 -17.93 -14.13 -11.00
N THR B 44 -18.06 -13.36 -12.08
CA THR B 44 -16.91 -12.73 -12.75
C THR B 44 -16.43 -11.62 -11.83
N THR B 45 -17.36 -11.10 -11.05
CA THR B 45 -17.09 -10.02 -10.11
C THR B 45 -16.11 -10.49 -9.05
N ASP B 46 -16.23 -11.75 -8.65
CA ASP B 46 -15.34 -12.33 -7.65
C ASP B 46 -13.93 -12.53 -8.17
N VAL B 47 -13.83 -12.82 -9.46
CA VAL B 47 -12.53 -13.05 -10.11
C VAL B 47 -11.79 -11.75 -10.42
N ALA B 48 -12.51 -10.63 -10.39
CA ALA B 48 -11.95 -9.33 -10.68
C ALA B 48 -10.84 -8.88 -9.73
N ALA B 49 -9.86 -8.16 -10.26
CA ALA B 49 -8.77 -7.64 -9.46
C ALA B 49 -9.35 -6.82 -8.32
N GLY B 50 -10.25 -5.90 -8.67
CA GLY B 50 -10.89 -5.04 -7.68
C GLY B 50 -10.60 -3.57 -7.89
N LEU B 51 -9.48 -3.26 -8.53
CA LEU B 51 -9.07 -1.88 -8.76
C LEU B 51 -10.08 -1.02 -9.52
N TRP B 52 -10.03 0.28 -9.25
CA TRP B 52 -10.91 1.25 -9.90
C TRP B 52 -10.08 1.98 -10.95
N GLN B 53 -10.28 1.60 -12.21
CA GLN B 53 -9.57 2.25 -13.31
C GLN B 53 -10.27 1.94 -14.62
N PRO B 54 -10.73 2.98 -15.33
CA PRO B 54 -11.40 2.75 -16.61
C PRO B 54 -10.31 2.48 -17.64
N TYR B 55 -10.68 2.24 -18.89
CA TYR B 55 -9.68 2.00 -19.93
C TYR B 55 -8.88 3.27 -20.18
N THR B 56 -7.79 3.15 -20.93
CA THR B 56 -6.94 4.30 -21.21
C THR B 56 -7.51 5.17 -22.33
N SER B 57 -8.58 4.68 -22.96
CA SER B 57 -9.24 5.40 -24.04
C SER B 57 -10.65 5.80 -23.65
N GLU B 58 -11.13 6.87 -24.28
CA GLU B 58 -12.47 7.40 -24.03
C GLU B 58 -13.53 6.41 -24.47
N PRO B 59 -14.65 6.34 -23.75
CA PRO B 59 -15.72 5.40 -24.10
C PRO B 59 -16.54 5.98 -25.26
N SER B 60 -17.19 5.11 -26.02
CA SER B 60 -18.01 5.56 -27.15
C SER B 60 -19.22 6.35 -26.68
N ASN B 61 -19.61 6.10 -25.43
CA ASN B 61 -20.74 6.77 -24.80
C ASN B 61 -20.21 7.52 -23.56
N PRO B 62 -20.05 8.85 -23.66
CA PRO B 62 -19.56 9.68 -22.55
C PRO B 62 -20.33 9.53 -21.25
N GLN B 63 -21.47 8.86 -21.31
CA GLN B 63 -22.32 8.60 -20.15
C GLN B 63 -21.53 7.72 -19.20
N GLU B 64 -20.79 6.78 -19.78
CA GLU B 64 -19.97 5.86 -19.02
C GLU B 64 -18.89 6.60 -18.22
N ALA B 65 -18.32 7.65 -18.80
CA ALA B 65 -17.30 8.42 -18.10
C ALA B 65 -17.94 9.03 -16.87
N ASN B 66 -19.18 9.48 -17.06
CA ASN B 66 -19.98 10.09 -16.00
C ASN B 66 -20.28 9.07 -14.91
N TRP B 67 -20.62 7.86 -15.31
CA TRP B 67 -20.93 6.79 -14.37
C TRP B 67 -19.71 6.35 -13.57
N ASN B 68 -18.53 6.45 -14.18
CA ASN B 68 -17.30 6.08 -13.52
C ASN B 68 -17.05 7.11 -12.45
N GLN B 69 -17.11 8.37 -12.86
CA GLN B 69 -16.89 9.50 -11.96
C GLN B 69 -17.80 9.44 -10.75
N GLN B 70 -19.06 9.05 -10.99
CA GLN B 70 -20.04 8.95 -9.93
C GLN B 70 -19.73 7.79 -9.00
N THR B 71 -19.16 6.73 -9.55
CA THR B 71 -18.82 5.55 -8.77
C THR B 71 -17.61 5.83 -7.89
N PHE B 72 -16.69 6.67 -8.36
CA PHE B 72 -15.51 6.99 -7.59
C PHE B 72 -15.91 7.81 -6.38
N ASN B 73 -16.68 8.89 -6.61
CA ASN B 73 -17.14 9.75 -5.52
C ASN B 73 -17.99 8.99 -4.51
N TYR B 74 -18.85 8.09 -4.99
CA TYR B 74 -19.69 7.30 -4.09
C TYR B 74 -18.83 6.49 -3.14
N LEU B 75 -17.79 5.88 -3.67
CA LEU B 75 -16.85 5.05 -2.91
C LEU B 75 -15.85 5.91 -2.15
N LEU B 76 -15.52 7.07 -2.71
CA LEU B 76 -14.59 8.00 -2.08
C LEU B 76 -15.23 8.54 -0.80
N SER B 77 -16.53 8.81 -0.86
CA SER B 77 -17.26 9.34 0.28
C SER B 77 -17.32 8.35 1.43
N HIS B 78 -16.84 7.13 1.20
CA HIS B 78 -16.81 6.10 2.24
C HIS B 78 -15.48 6.04 2.95
N ILE B 79 -14.46 6.62 2.32
CA ILE B 79 -13.14 6.66 2.92
C ILE B 79 -13.22 7.57 4.15
N GLY B 80 -13.11 6.95 5.31
CA GLY B 80 -13.18 7.68 6.56
C GLY B 80 -14.24 7.01 7.42
N SER B 81 -14.83 5.95 6.89
CA SER B 81 -15.86 5.20 7.59
C SER B 81 -15.25 3.93 8.18
N PRO B 82 -15.78 3.48 9.32
CA PRO B 82 -15.26 2.26 9.95
C PRO B 82 -15.55 0.99 9.16
N ASN B 83 -16.64 1.01 8.39
CA ASN B 83 -17.04 -0.15 7.61
C ASN B 83 -16.54 -0.13 6.16
N ALA B 84 -15.63 0.78 5.85
CA ALA B 84 -15.10 0.88 4.49
C ALA B 84 -14.42 -0.42 4.04
N ALA B 85 -13.57 -0.99 4.90
CA ALA B 85 -12.87 -2.23 4.59
C ALA B 85 -13.80 -3.44 4.56
N ASN B 86 -14.85 -3.40 5.37
CA ASN B 86 -15.81 -4.50 5.43
C ASN B 86 -16.65 -4.56 4.15
N MET B 87 -16.70 -3.44 3.43
CA MET B 87 -17.41 -3.33 2.16
C MET B 87 -16.47 -3.82 1.06
N GLY B 88 -15.20 -3.96 1.40
CA GLY B 88 -14.19 -4.40 0.45
C GLY B 88 -13.55 -3.19 -0.17
N LEU B 89 -13.66 -2.05 0.52
CA LEU B 89 -13.12 -0.78 0.05
C LEU B 89 -11.89 -0.26 0.80
N THR B 90 -10.88 0.17 0.05
CA THR B 90 -9.65 0.73 0.62
C THR B 90 -8.80 1.42 -0.45
N PRO B 91 -8.10 2.50 -0.09
CA PRO B 91 -7.26 3.24 -1.05
C PRO B 91 -6.03 2.45 -1.54
N VAL B 92 -5.48 2.88 -2.67
CA VAL B 92 -4.29 2.28 -3.27
C VAL B 92 -3.70 3.23 -4.28
N SER B 93 -2.40 3.41 -4.23
CA SER B 93 -1.74 4.28 -5.17
C SER B 93 -1.00 3.35 -6.12
N GLY B 94 -0.70 3.82 -7.32
CA GLY B 94 -0.01 2.94 -8.25
C GLY B 94 0.48 3.58 -9.51
N TYR B 95 1.08 2.74 -10.36
CA TYR B 95 1.66 3.19 -11.62
C TYR B 95 1.00 2.53 -12.83
N ASN B 96 1.12 3.21 -13.97
CA ASN B 96 0.61 2.72 -15.24
C ASN B 96 1.81 2.91 -16.15
N LEU B 97 2.44 1.80 -16.50
CA LEU B 97 3.67 1.80 -17.30
C LEU B 97 3.49 1.59 -18.79
N PHE B 98 4.11 2.48 -19.57
CA PHE B 98 4.04 2.42 -21.02
C PHE B 98 5.40 2.31 -21.67
N ARG B 99 5.44 1.56 -22.76
CA ARG B 99 6.65 1.33 -23.54
C ARG B 99 7.00 2.59 -24.31
N GLU B 100 6.07 3.54 -24.33
CA GLU B 100 6.27 4.82 -25.01
C GLU B 100 5.27 5.85 -24.51
N ALA B 101 5.56 7.11 -24.81
CA ALA B 101 4.70 8.21 -24.39
C ALA B 101 3.27 8.10 -24.91
N VAL B 102 2.30 8.19 -24.00
CA VAL B 102 0.89 8.14 -24.36
C VAL B 102 0.18 9.35 -23.79
N PRO B 103 -0.99 9.67 -24.33
CA PRO B 103 -1.76 10.83 -23.85
C PRO B 103 -2.44 10.51 -22.52
N ASP B 104 -2.85 11.56 -21.80
CA ASP B 104 -3.51 11.39 -20.51
C ASP B 104 -4.87 10.73 -20.64
N PRO B 105 -5.26 9.94 -19.64
CA PRO B 105 -6.56 9.27 -19.67
C PRO B 105 -7.69 10.26 -19.37
N TYR B 106 -8.89 9.99 -19.87
CA TYR B 106 -10.01 10.89 -19.63
C TYR B 106 -10.33 10.97 -18.15
N TRP B 107 -10.05 9.88 -17.44
CA TRP B 107 -10.29 9.79 -16.01
C TRP B 107 -9.15 10.34 -15.16
N LYS B 108 -8.24 11.06 -15.79
CA LYS B 108 -7.10 11.62 -15.08
C LYS B 108 -7.45 12.48 -13.88
N ASP B 109 -8.51 13.28 -13.99
CA ASP B 109 -8.93 14.16 -12.90
C ASP B 109 -9.92 13.53 -11.96
N MET B 110 -10.47 12.39 -12.37
CA MET B 110 -11.42 11.69 -11.51
C MET B 110 -10.67 11.07 -10.34
N VAL B 111 -9.50 10.52 -10.63
CA VAL B 111 -8.65 9.90 -9.63
C VAL B 111 -7.93 10.95 -8.78
N LEU B 112 -7.27 10.48 -7.73
CA LEU B 112 -6.53 11.35 -6.82
C LEU B 112 -5.04 11.44 -7.10
N GLY B 113 -4.54 12.68 -7.18
CA GLY B 113 -3.12 12.91 -7.38
C GLY B 113 -2.44 12.40 -8.63
N PHE B 114 -3.09 12.59 -9.78
CA PHE B 114 -2.54 12.15 -11.04
C PHE B 114 -1.36 13.01 -11.50
N ARG B 115 -0.36 12.35 -12.05
CA ARG B 115 0.82 13.03 -12.55
C ARG B 115 1.65 12.03 -13.36
N LYS B 116 2.48 12.53 -14.27
CA LYS B 116 3.33 11.66 -15.07
C LYS B 116 4.53 11.25 -14.20
N LEU B 117 5.10 10.07 -14.49
CA LEU B 117 6.25 9.59 -13.73
C LEU B 117 7.55 10.27 -14.11
N THR B 118 8.39 10.53 -13.11
CA THR B 118 9.70 11.15 -13.33
C THR B 118 10.65 10.04 -13.76
N PRO B 119 11.71 10.37 -14.52
CA PRO B 119 12.65 9.34 -14.95
C PRO B 119 13.21 8.54 -13.77
N ARG B 120 13.37 9.23 -12.64
CA ARG B 120 13.88 8.63 -11.42
C ARG B 120 12.95 7.49 -10.97
N GLU B 121 11.65 7.66 -11.21
CA GLU B 121 10.66 6.65 -10.84
C GLU B 121 10.59 5.52 -11.87
N LEU B 122 10.89 5.87 -13.12
CA LEU B 122 10.87 4.91 -14.22
C LEU B 122 12.04 3.96 -14.04
N ASP B 123 13.07 4.44 -13.34
CA ASP B 123 14.26 3.64 -13.07
C ASP B 123 13.90 2.38 -12.29
N MET B 124 12.73 2.39 -11.66
CA MET B 124 12.23 1.25 -10.89
C MET B 124 11.73 0.18 -11.86
N PHE B 125 11.25 0.62 -13.03
CA PHE B 125 10.72 -0.28 -14.05
C PHE B 125 11.45 0.00 -15.36
N PRO B 126 12.64 -0.61 -15.56
CA PRO B 126 13.49 -0.45 -16.74
C PRO B 126 12.85 -0.80 -18.09
N ASP B 127 11.96 -1.79 -18.11
CA ASP B 127 11.28 -2.20 -19.35
C ASP B 127 10.38 -1.11 -19.97
N TYR B 128 10.05 -0.09 -19.18
CA TYR B 128 9.16 0.99 -19.62
C TYR B 128 9.78 2.37 -19.47
N ARG B 129 9.52 3.24 -20.44
CA ARG B 129 10.09 4.59 -20.42
C ARG B 129 9.09 5.71 -20.25
N TYR B 130 7.85 5.39 -19.88
CA TYR B 130 6.82 6.41 -19.69
C TYR B 130 5.76 5.84 -18.76
N GLY B 131 5.10 6.72 -18.01
CA GLY B 131 4.06 6.26 -17.09
C GLY B 131 3.31 7.34 -16.33
N TRP B 132 2.37 6.89 -15.51
CA TRP B 132 1.56 7.77 -14.69
C TRP B 132 1.53 7.19 -13.29
N PHE B 133 1.26 8.06 -12.33
CA PHE B 133 1.13 7.67 -10.95
C PHE B 133 -0.17 8.33 -10.50
N ASN B 134 -0.93 7.64 -9.65
CA ASN B 134 -2.17 8.19 -9.13
C ASN B 134 -2.66 7.37 -7.96
N THR B 135 -3.69 7.86 -7.31
CA THR B 135 -4.29 7.18 -6.18
C THR B 135 -5.72 6.88 -6.58
N SER B 136 -6.14 5.65 -6.33
CA SER B 136 -7.48 5.19 -6.64
C SER B 136 -7.97 4.31 -5.49
N LEU B 137 -8.98 3.49 -5.74
CA LEU B 137 -9.55 2.64 -4.70
C LEU B 137 -9.63 1.17 -5.10
N ILE B 138 -9.70 0.32 -4.07
CA ILE B 138 -9.82 -1.12 -4.25
C ILE B 138 -11.25 -1.46 -3.85
N LEU B 139 -11.90 -2.30 -4.66
CA LEU B 139 -13.26 -2.72 -4.38
C LEU B 139 -13.27 -4.22 -4.63
N GLU B 140 -12.77 -4.98 -3.65
CA GLU B 140 -12.72 -6.42 -3.76
C GLU B 140 -14.10 -6.95 -4.09
N GLY B 141 -14.29 -7.34 -5.36
CA GLY B 141 -15.57 -7.85 -5.82
C GLY B 141 -16.24 -8.86 -4.90
N ARG B 142 -15.47 -9.81 -4.39
CA ARG B 142 -15.99 -10.84 -3.49
C ARG B 142 -16.51 -10.27 -2.17
N LYS B 143 -15.70 -9.44 -1.53
CA LYS B 143 -16.07 -8.84 -0.24
C LYS B 143 -17.23 -7.88 -0.37
N TYR B 144 -17.24 -7.15 -1.48
CA TYR B 144 -18.27 -6.17 -1.79
C TYR B 144 -19.61 -6.85 -2.05
N LEU B 145 -19.55 -8.05 -2.63
CA LEU B 145 -20.76 -8.82 -2.92
C LEU B 145 -21.35 -9.40 -1.63
N GLN B 146 -20.50 -9.93 -0.77
CA GLN B 146 -20.93 -10.48 0.52
C GLN B 146 -21.60 -9.37 1.32
N TRP B 147 -21.10 -8.14 1.15
CA TRP B 147 -21.64 -6.98 1.84
C TRP B 147 -23.01 -6.60 1.25
N LEU B 148 -23.07 -6.49 -0.08
CA LEU B 148 -24.32 -6.14 -0.76
C LEU B 148 -25.39 -7.17 -0.47
N THR B 149 -25.00 -8.44 -0.45
CA THR B 149 -25.91 -9.53 -0.18
C THR B 149 -26.42 -9.36 1.23
N GLU B 150 -25.50 -8.97 2.12
CA GLU B 150 -25.86 -8.78 3.52
C GLU B 150 -26.78 -7.58 3.66
N ARG B 151 -26.54 -6.55 2.85
CA ARG B 151 -27.34 -5.32 2.90
C ARG B 151 -28.74 -5.54 2.33
N LEU B 152 -28.82 -6.14 1.15
CA LEU B 152 -30.08 -6.42 0.47
C LEU B 152 -30.97 -7.36 1.28
N THR B 153 -30.36 -8.36 1.89
CA THR B 153 -31.08 -9.32 2.70
C THR B 153 -31.84 -8.63 3.83
N GLU B 154 -31.20 -7.68 4.50
CA GLU B 154 -31.84 -6.94 5.59
C GLU B 154 -32.84 -5.94 5.04
N ARG B 155 -32.71 -5.61 3.76
CA ARG B 155 -33.64 -4.69 3.09
C ARG B 155 -34.92 -5.44 2.74
N GLY B 156 -34.97 -6.72 3.09
CA GLY B 156 -36.13 -7.54 2.80
C GLY B 156 -36.05 -8.26 1.47
N VAL B 157 -34.96 -8.05 0.73
CA VAL B 157 -34.76 -8.69 -0.57
C VAL B 157 -34.47 -10.20 -0.47
N LYS B 158 -35.09 -10.96 -1.36
CA LYS B 158 -34.94 -12.41 -1.38
C LYS B 158 -34.08 -12.87 -2.57
N PHE B 159 -33.21 -13.85 -2.33
CA PHE B 159 -32.32 -14.40 -3.36
C PHE B 159 -32.80 -15.78 -3.76
N PHE B 160 -32.77 -16.08 -5.06
CA PHE B 160 -33.21 -17.37 -5.54
C PHE B 160 -32.27 -17.97 -6.57
N LEU B 161 -31.78 -19.17 -6.27
CA LEU B 161 -30.87 -19.88 -7.16
C LEU B 161 -31.74 -20.39 -8.30
N ARG B 162 -31.63 -19.77 -9.47
CA ARG B 162 -32.43 -20.16 -10.61
C ARG B 162 -31.84 -19.70 -11.93
N LYS B 163 -31.71 -20.62 -12.87
CA LYS B 163 -31.22 -20.24 -14.18
C LYS B 163 -32.40 -19.82 -15.04
N VAL B 164 -32.54 -18.51 -15.22
CA VAL B 164 -33.63 -17.99 -16.02
C VAL B 164 -33.39 -18.43 -17.46
N GLU B 165 -34.36 -19.14 -18.03
CA GLU B 165 -34.25 -19.60 -19.40
C GLU B 165 -34.76 -18.53 -20.37
N SER B 166 -35.61 -17.64 -19.87
CA SER B 166 -36.17 -16.57 -20.69
C SER B 166 -36.85 -15.48 -19.88
N PHE B 167 -36.99 -14.31 -20.50
CA PHE B 167 -37.67 -13.18 -19.87
C PHE B 167 -39.14 -13.58 -19.72
N GLU B 168 -39.60 -14.39 -20.68
CA GLU B 168 -40.97 -14.91 -20.75
C GLU B 168 -41.43 -15.45 -19.40
N GLU B 169 -40.82 -16.54 -18.98
CA GLU B 169 -41.14 -17.20 -17.70
C GLU B 169 -41.14 -16.24 -16.51
N VAL B 170 -40.24 -15.27 -16.53
CA VAL B 170 -40.14 -14.32 -15.44
C VAL B 170 -41.34 -13.40 -15.46
N ALA B 171 -41.65 -12.85 -16.64
CA ALA B 171 -42.78 -11.95 -16.83
C ALA B 171 -44.06 -12.64 -16.41
N ARG B 172 -44.34 -13.80 -17.00
CA ARG B 172 -45.54 -14.57 -16.69
C ARG B 172 -45.48 -15.11 -15.26
N GLY B 173 -44.28 -15.10 -14.69
CA GLY B 173 -44.10 -15.57 -13.32
C GLY B 173 -44.65 -14.58 -12.33
N GLY B 174 -44.86 -13.34 -12.81
CA GLY B 174 -45.40 -12.30 -11.96
C GLY B 174 -44.59 -11.01 -11.96
N ALA B 175 -43.46 -11.03 -12.66
CA ALA B 175 -42.59 -9.86 -12.72
C ALA B 175 -43.24 -8.64 -13.37
N ASP B 176 -43.34 -7.55 -12.61
CA ASP B 176 -43.89 -6.29 -13.12
C ASP B 176 -42.77 -5.59 -13.88
N VAL B 177 -41.57 -5.63 -13.29
CA VAL B 177 -40.37 -5.04 -13.89
C VAL B 177 -39.24 -6.04 -13.73
N ILE B 178 -38.44 -6.19 -14.78
CA ILE B 178 -37.32 -7.11 -14.79
C ILE B 178 -36.02 -6.36 -15.06
N ILE B 179 -35.05 -6.51 -14.17
CA ILE B 179 -33.75 -5.88 -14.35
C ILE B 179 -32.78 -6.97 -14.81
N ASN B 180 -32.26 -6.81 -16.04
CA ASN B 180 -31.36 -7.77 -16.63
C ASN B 180 -29.88 -7.42 -16.46
N CYS B 181 -29.29 -7.99 -15.40
CA CYS B 181 -27.88 -7.78 -15.07
C CYS B 181 -27.24 -9.17 -15.16
N THR B 182 -27.38 -9.79 -16.34
CA THR B 182 -26.86 -11.13 -16.58
C THR B 182 -25.45 -11.22 -17.18
N GLY B 183 -24.76 -10.08 -17.28
CA GLY B 183 -23.41 -10.07 -17.79
C GLY B 183 -23.16 -10.67 -19.17
N VAL B 184 -21.99 -11.30 -19.32
CA VAL B 184 -21.57 -11.92 -20.58
C VAL B 184 -22.48 -13.03 -21.10
N TRP B 185 -23.37 -13.53 -20.25
CA TRP B 185 -24.31 -14.59 -20.63
C TRP B 185 -25.69 -14.06 -21.03
N ALA B 186 -25.82 -12.75 -21.16
CA ALA B 186 -27.09 -12.12 -21.50
C ALA B 186 -27.66 -12.59 -22.84
N GLY B 187 -26.78 -12.86 -23.81
CA GLY B 187 -27.19 -13.30 -25.13
C GLY B 187 -28.19 -14.44 -25.15
N VAL B 188 -28.16 -15.25 -24.09
CA VAL B 188 -29.06 -16.37 -23.95
C VAL B 188 -30.50 -15.87 -23.84
N LEU B 189 -30.75 -15.00 -22.88
CA LEU B 189 -32.08 -14.43 -22.66
C LEU B 189 -32.55 -13.64 -23.86
N GLN B 190 -31.60 -13.00 -24.54
CA GLN B 190 -31.89 -12.21 -25.71
C GLN B 190 -30.60 -11.98 -26.48
N PRO B 191 -30.50 -12.56 -27.69
CA PRO B 191 -29.35 -12.46 -28.59
C PRO B 191 -28.78 -11.06 -28.82
N ASP B 192 -27.47 -10.93 -28.60
CA ASP B 192 -26.76 -9.68 -28.78
C ASP B 192 -25.31 -9.94 -29.20
N PRO B 193 -25.05 -9.92 -30.52
CA PRO B 193 -23.72 -10.17 -31.07
C PRO B 193 -22.63 -9.20 -30.59
N LEU B 194 -23.05 -8.03 -30.09
CA LEU B 194 -22.12 -7.03 -29.57
C LEU B 194 -21.43 -7.47 -28.29
N LEU B 195 -22.08 -8.39 -27.57
CA LEU B 195 -21.53 -8.92 -26.33
C LEU B 195 -20.72 -10.18 -26.55
N GLN B 196 -19.44 -10.11 -26.24
CA GLN B 196 -18.50 -11.22 -26.40
C GLN B 196 -17.70 -11.36 -25.11
N PRO B 197 -17.19 -12.57 -24.83
CA PRO B 197 -16.41 -12.75 -23.61
C PRO B 197 -14.99 -12.23 -23.76
N GLY B 198 -14.47 -11.63 -22.71
CA GLY B 198 -13.10 -11.12 -22.71
C GLY B 198 -12.41 -11.94 -21.64
N ARG B 199 -12.05 -13.18 -21.99
CA ARG B 199 -11.41 -14.09 -21.04
C ARG B 199 -10.16 -13.52 -20.40
N GLY B 200 -10.05 -13.77 -19.10
CA GLY B 200 -8.92 -13.30 -18.35
C GLY B 200 -8.56 -14.30 -17.28
N GLN B 201 -7.28 -14.46 -17.05
CA GLN B 201 -6.80 -15.38 -16.04
C GLN B 201 -5.95 -14.59 -15.03
N ILE B 202 -6.05 -14.95 -13.76
CA ILE B 202 -5.31 -14.26 -12.72
C ILE B 202 -4.66 -15.27 -11.78
N ILE B 203 -3.66 -14.81 -11.03
CA ILE B 203 -2.97 -15.63 -10.06
C ILE B 203 -2.99 -14.83 -8.75
N LYS B 204 -3.83 -15.25 -7.80
CA LYS B 204 -3.92 -14.62 -6.48
C LYS B 204 -2.75 -15.14 -5.65
N VAL B 205 -1.94 -14.23 -5.11
CA VAL B 205 -0.77 -14.63 -4.34
C VAL B 205 -0.49 -13.85 -3.06
N ASP B 206 0.14 -14.51 -2.09
CA ASP B 206 0.50 -13.88 -0.83
C ASP B 206 1.83 -13.16 -0.92
N ALA B 207 1.75 -11.84 -1.10
CA ALA B 207 2.90 -10.96 -1.20
C ALA B 207 2.50 -9.65 -0.54
N PRO B 208 2.14 -9.70 0.76
CA PRO B 208 1.70 -8.55 1.56
C PRO B 208 2.60 -7.33 1.61
N TRP B 209 3.86 -7.47 1.24
CA TRP B 209 4.80 -6.35 1.26
C TRP B 209 4.53 -5.39 0.10
N LEU B 210 3.69 -5.83 -0.83
CA LEU B 210 3.34 -5.02 -2.00
C LEU B 210 2.11 -4.16 -1.72
N LYS B 211 2.33 -2.86 -1.63
CA LYS B 211 1.26 -1.92 -1.33
C LYS B 211 0.71 -1.24 -2.58
N ASN B 212 1.59 -0.89 -3.50
CA ASN B 212 1.21 -0.21 -4.73
C ASN B 212 0.82 -1.11 -5.90
N PHE B 213 -0.21 -0.70 -6.65
CA PHE B 213 -0.64 -1.45 -7.82
C PHE B 213 0.31 -1.05 -8.95
N ILE B 214 0.52 -1.95 -9.90
CA ILE B 214 1.42 -1.69 -11.02
C ILE B 214 0.81 -2.29 -12.29
N ILE B 215 0.37 -1.42 -13.19
CA ILE B 215 -0.25 -1.88 -14.42
C ILE B 215 0.57 -1.46 -15.63
N THR B 216 1.16 -2.44 -16.29
CA THR B 216 1.94 -2.19 -17.49
C THR B 216 1.00 -2.25 -18.69
N HIS B 217 1.41 -1.66 -19.80
CA HIS B 217 0.57 -1.66 -20.99
C HIS B 217 1.33 -1.92 -22.29
N ASP B 218 0.82 -2.88 -23.06
CA ASP B 218 1.39 -3.21 -24.36
C ASP B 218 0.35 -2.73 -25.35
N LEU B 219 0.65 -1.63 -26.02
CA LEU B 219 -0.27 -1.04 -27.00
C LEU B 219 -0.52 -1.93 -28.22
N GLU B 220 0.35 -2.91 -28.43
CA GLU B 220 0.21 -3.78 -29.59
C GLU B 220 -0.71 -4.96 -29.33
N ARG B 221 -0.57 -5.58 -28.17
CA ARG B 221 -1.36 -6.75 -27.82
C ARG B 221 -2.73 -6.51 -27.17
N GLY B 222 -3.09 -5.25 -26.96
CA GLY B 222 -4.38 -4.96 -26.36
C GLY B 222 -4.39 -4.72 -24.85
N ILE B 223 -5.42 -4.01 -24.38
CA ILE B 223 -5.59 -3.66 -22.96
C ILE B 223 -5.57 -4.91 -22.08
N TYR B 224 -4.78 -4.85 -21.01
CA TYR B 224 -4.64 -5.94 -20.04
C TYR B 224 -4.07 -7.24 -20.62
N ASN B 225 -3.33 -7.10 -21.71
CA ASN B 225 -2.65 -8.21 -22.35
C ASN B 225 -1.17 -7.88 -22.13
N SER B 226 -0.90 -7.53 -20.88
CA SER B 226 0.42 -7.16 -20.39
C SER B 226 0.30 -7.42 -18.89
N PRO B 227 1.41 -7.80 -18.24
CA PRO B 227 1.39 -8.09 -16.80
C PRO B 227 1.00 -6.96 -15.85
N TYR B 228 0.34 -7.34 -14.77
CA TYR B 228 -0.06 -6.36 -13.76
C TYR B 228 -0.18 -6.97 -12.38
N ILE B 229 0.24 -6.19 -11.39
CA ILE B 229 0.23 -6.60 -10.00
C ILE B 229 -0.75 -5.65 -9.35
N ILE B 230 -1.79 -6.21 -8.74
CA ILE B 230 -2.79 -5.38 -8.09
C ILE B 230 -3.13 -5.93 -6.71
N PRO B 231 -2.58 -5.28 -5.67
CA PRO B 231 -2.81 -5.68 -4.29
C PRO B 231 -4.26 -5.44 -3.85
N GLY B 232 -4.73 -6.31 -2.97
CA GLY B 232 -6.07 -6.23 -2.47
C GLY B 232 -6.03 -6.22 -0.96
N LEU B 233 -7.13 -6.62 -0.34
CA LEU B 233 -7.19 -6.64 1.10
C LEU B 233 -6.32 -7.74 1.71
N GLN B 234 -6.65 -9.01 1.46
CA GLN B 234 -5.91 -10.14 2.01
C GLN B 234 -4.86 -10.79 1.09
N ALA B 235 -4.72 -10.30 -0.14
CA ALA B 235 -3.75 -10.89 -1.07
C ALA B 235 -3.42 -9.96 -2.22
N VAL B 236 -2.61 -10.44 -3.16
CA VAL B 236 -2.23 -9.67 -4.33
C VAL B 236 -2.72 -10.36 -5.60
N THR B 237 -3.08 -9.59 -6.62
CA THR B 237 -3.56 -10.15 -7.88
C THR B 237 -2.56 -9.98 -8.99
N LEU B 238 -2.13 -11.10 -9.56
CA LEU B 238 -1.20 -11.11 -10.68
C LEU B 238 -1.98 -11.48 -11.93
N GLY B 239 -1.81 -10.71 -13.00
CA GLY B 239 -2.53 -11.02 -14.20
C GLY B 239 -1.90 -10.44 -15.43
N GLY B 240 -2.62 -10.55 -16.55
CA GLY B 240 -2.14 -10.02 -17.80
C GLY B 240 -2.76 -10.62 -19.03
N THR B 241 -3.98 -11.13 -18.95
CA THR B 241 -4.62 -11.71 -20.13
C THR B 241 -6.03 -11.20 -20.40
N PHE B 242 -6.29 -10.84 -21.64
CA PHE B 242 -7.58 -10.33 -22.11
C PHE B 242 -7.76 -10.96 -23.48
N GLN B 243 -8.53 -12.04 -23.51
CA GLN B 243 -8.78 -12.78 -24.74
C GLN B 243 -10.25 -12.69 -25.13
N VAL B 244 -10.54 -11.82 -26.09
CA VAL B 244 -11.89 -11.62 -26.56
C VAL B 244 -12.32 -12.71 -27.55
N GLY B 245 -13.47 -13.32 -27.27
CA GLY B 245 -13.98 -14.38 -28.11
C GLY B 245 -13.74 -15.75 -27.51
N ASN B 246 -12.87 -15.80 -26.51
CA ASN B 246 -12.54 -17.06 -25.87
C ASN B 246 -13.50 -17.37 -24.74
N TRP B 247 -14.18 -18.50 -24.84
CA TRP B 247 -15.14 -18.93 -23.82
C TRP B 247 -14.58 -20.02 -22.93
N ASN B 248 -13.30 -20.35 -23.10
CA ASN B 248 -12.64 -21.39 -22.30
C ASN B 248 -12.58 -20.96 -20.84
N GLU B 249 -13.34 -21.65 -20.00
CA GLU B 249 -13.40 -21.35 -18.58
C GLU B 249 -12.29 -22.04 -17.76
N ILE B 250 -11.43 -22.77 -18.45
CA ILE B 250 -10.34 -23.51 -17.81
C ILE B 250 -9.04 -22.73 -17.82
N ASN B 251 -8.26 -22.84 -16.74
CA ASN B 251 -6.97 -22.17 -16.61
C ASN B 251 -5.90 -22.91 -17.41
N ASN B 252 -5.22 -22.19 -18.29
CA ASN B 252 -4.18 -22.83 -19.09
C ASN B 252 -2.77 -22.42 -18.67
N ILE B 253 -1.85 -23.40 -18.67
CA ILE B 253 -0.46 -23.16 -18.30
C ILE B 253 0.21 -22.13 -19.20
N GLN B 254 -0.31 -21.95 -20.40
CA GLN B 254 0.25 -20.98 -21.33
C GLN B 254 0.15 -19.59 -20.71
N ASP B 255 -1.04 -19.26 -20.22
CA ASP B 255 -1.30 -17.97 -19.59
C ASP B 255 -0.64 -17.89 -18.20
N HIS B 256 -0.49 -19.04 -17.55
CA HIS B 256 0.14 -19.10 -16.23
C HIS B 256 1.59 -18.67 -16.31
N ASN B 257 2.25 -19.01 -17.40
CA ASN B 257 3.65 -18.64 -17.58
C ASN B 257 3.79 -17.20 -18.06
N THR B 258 2.78 -16.69 -18.77
CA THR B 258 2.82 -15.30 -19.25
C THR B 258 2.67 -14.33 -18.07
N ILE B 259 1.68 -14.62 -17.23
CA ILE B 259 1.37 -13.84 -16.04
C ILE B 259 2.55 -13.87 -15.06
N TRP B 260 2.86 -15.06 -14.57
CA TRP B 260 3.93 -15.27 -13.59
C TRP B 260 5.30 -14.78 -14.01
N GLU B 261 5.76 -15.23 -15.17
CA GLU B 261 7.06 -14.83 -15.68
C GLU B 261 7.09 -13.33 -15.95
N GLY B 262 5.97 -12.78 -16.39
CA GLY B 262 5.89 -11.36 -16.66
C GLY B 262 5.85 -10.54 -15.39
N CYS B 263 5.02 -10.95 -14.44
CA CYS B 263 4.88 -10.25 -13.17
C CYS B 263 6.12 -10.40 -12.31
N CYS B 264 6.73 -11.58 -12.34
CA CYS B 264 7.93 -11.84 -11.57
C CYS B 264 9.10 -11.01 -12.10
N ARG B 265 9.04 -10.66 -13.38
CA ARG B 265 10.09 -9.83 -13.97
C ARG B 265 9.79 -8.36 -13.63
N LEU B 266 8.50 -8.07 -13.44
CA LEU B 266 8.04 -6.72 -13.09
C LEU B 266 8.52 -6.48 -11.66
N GLU B 267 8.20 -7.43 -10.79
CA GLU B 267 8.51 -7.39 -9.37
C GLU B 267 9.22 -8.69 -9.01
N PRO B 268 10.57 -8.67 -9.01
CA PRO B 268 11.42 -9.82 -8.68
C PRO B 268 11.22 -10.39 -7.29
N THR B 269 10.73 -9.57 -6.37
CA THR B 269 10.51 -10.01 -5.00
C THR B 269 9.34 -10.98 -4.96
N LEU B 270 8.63 -11.07 -6.08
CA LEU B 270 7.48 -11.95 -6.23
C LEU B 270 7.87 -13.43 -6.17
N LYS B 271 9.18 -13.69 -6.30
CA LYS B 271 9.72 -15.05 -6.26
C LYS B 271 9.40 -15.75 -4.95
N ASP B 272 9.24 -14.96 -3.89
CA ASP B 272 8.94 -15.47 -2.56
C ASP B 272 7.44 -15.59 -2.27
N ALA B 273 6.62 -15.14 -3.22
CA ALA B 273 5.17 -15.18 -3.07
C ALA B 273 4.60 -16.60 -3.12
N LYS B 274 3.72 -16.90 -2.17
CA LYS B 274 3.09 -18.20 -2.08
C LYS B 274 1.76 -18.17 -2.81
N ILE B 275 1.67 -18.85 -3.94
CA ILE B 275 0.43 -18.88 -4.73
C ILE B 275 -0.75 -19.39 -3.91
N VAL B 276 -1.75 -18.53 -3.78
CA VAL B 276 -2.96 -18.85 -3.04
C VAL B 276 -4.00 -19.50 -3.95
N GLY B 277 -4.13 -18.96 -5.16
CA GLY B 277 -5.09 -19.49 -6.11
C GLY B 277 -4.93 -18.93 -7.50
N GLU B 278 -5.60 -19.55 -8.46
CA GLU B 278 -5.55 -19.13 -9.86
C GLU B 278 -6.94 -19.30 -10.45
N TYR B 279 -7.39 -18.29 -11.19
CA TYR B 279 -8.75 -18.33 -11.76
C TYR B 279 -8.86 -17.76 -13.16
N THR B 280 -10.05 -17.92 -13.75
CA THR B 280 -10.36 -17.42 -15.10
C THR B 280 -11.79 -16.89 -15.10
N GLY B 281 -12.00 -15.75 -15.75
CA GLY B 281 -13.32 -15.16 -15.81
C GLY B 281 -13.62 -14.50 -17.14
N PHE B 282 -14.89 -14.24 -17.40
CA PHE B 282 -15.28 -13.61 -18.66
C PHE B 282 -15.81 -12.19 -18.57
N ARG B 283 -14.97 -11.22 -18.92
CA ARG B 283 -15.36 -9.82 -18.91
C ARG B 283 -16.46 -9.64 -19.97
N PRO B 284 -17.61 -9.07 -19.58
CA PRO B 284 -18.72 -8.86 -20.53
C PRO B 284 -18.39 -7.75 -21.50
N VAL B 285 -17.68 -8.08 -22.58
CA VAL B 285 -17.29 -7.07 -23.58
C VAL B 285 -18.44 -6.66 -24.51
N ARG B 286 -18.56 -5.36 -24.74
CA ARG B 286 -19.59 -4.77 -25.61
C ARG B 286 -19.08 -3.39 -26.00
N PRO B 287 -19.30 -2.97 -27.26
CA PRO B 287 -18.85 -1.65 -27.74
C PRO B 287 -19.22 -0.54 -26.74
N GLN B 288 -20.31 -0.75 -26.03
CA GLN B 288 -20.80 0.17 -25.01
C GLN B 288 -21.75 -0.58 -24.09
N VAL B 289 -21.83 -0.12 -22.86
CA VAL B 289 -22.70 -0.72 -21.84
C VAL B 289 -24.15 -0.69 -22.26
N ARG B 290 -24.88 -1.77 -22.03
CA ARG B 290 -26.30 -1.77 -22.38
C ARG B 290 -27.12 -1.42 -21.14
N LEU B 291 -27.54 -0.17 -21.09
CA LEU B 291 -28.32 0.35 -19.99
C LEU B 291 -29.48 1.14 -20.61
N GLU B 292 -30.59 0.44 -20.78
CA GLU B 292 -31.78 1.03 -21.38
C GLU B 292 -33.03 0.21 -21.04
N ARG B 293 -34.20 0.83 -21.26
CA ARG B 293 -35.47 0.20 -21.00
C ARG B 293 -35.98 -0.55 -22.24
N GLU B 294 -36.94 -1.44 -22.03
CA GLU B 294 -37.53 -2.21 -23.10
C GLU B 294 -38.87 -2.77 -22.63
N GLN B 295 -39.92 -2.58 -23.42
CA GLN B 295 -41.24 -3.07 -23.09
C GLN B 295 -41.43 -4.40 -23.80
N LEU B 296 -42.00 -5.36 -23.09
CA LEU B 296 -42.23 -6.68 -23.65
C LEU B 296 -43.58 -7.22 -23.27
N ARG B 297 -44.50 -7.25 -24.24
CA ARG B 297 -45.84 -7.78 -23.99
C ARG B 297 -45.82 -9.28 -24.20
N PHE B 298 -46.49 -10.00 -23.31
CA PHE B 298 -46.57 -11.46 -23.41
C PHE B 298 -48.02 -11.90 -23.24
N GLY B 299 -48.84 -11.48 -24.20
CA GLY B 299 -50.27 -11.79 -24.16
C GLY B 299 -50.90 -10.87 -23.14
N SER B 300 -50.92 -9.57 -23.47
CA SER B 300 -51.48 -8.52 -22.61
C SER B 300 -50.54 -8.14 -21.45
N SER B 301 -49.81 -9.12 -20.93
CA SER B 301 -48.85 -8.91 -19.84
C SER B 301 -47.64 -8.11 -20.32
N ASN B 302 -47.85 -6.81 -20.48
CA ASN B 302 -46.78 -5.91 -20.91
C ASN B 302 -45.81 -5.76 -19.75
N THR B 303 -44.72 -6.51 -19.81
CA THR B 303 -43.69 -6.48 -18.77
C THR B 303 -42.54 -5.57 -19.18
N GLU B 304 -42.19 -4.65 -18.29
CA GLU B 304 -41.11 -3.72 -18.52
C GLU B 304 -39.78 -4.40 -18.18
N VAL B 305 -38.74 -4.07 -18.93
CA VAL B 305 -37.42 -4.65 -18.71
C VAL B 305 -36.36 -3.57 -18.85
N ILE B 306 -35.35 -3.62 -17.99
CA ILE B 306 -34.24 -2.67 -18.01
C ILE B 306 -32.94 -3.47 -17.99
N HIS B 307 -32.08 -3.25 -18.98
CA HIS B 307 -30.81 -3.97 -19.10
C HIS B 307 -29.65 -3.19 -18.50
N ASN B 308 -28.63 -3.92 -18.08
CA ASN B 308 -27.43 -3.30 -17.51
C ASN B 308 -26.31 -4.35 -17.51
N TYR B 309 -25.72 -4.57 -18.67
CA TYR B 309 -24.64 -5.53 -18.82
C TYR B 309 -23.67 -5.03 -19.88
N GLY B 310 -22.53 -5.70 -20.02
CA GLY B 310 -21.54 -5.29 -21.00
C GLY B 310 -20.49 -4.33 -20.48
N HIS B 311 -20.23 -4.43 -19.18
CA HIS B 311 -19.28 -3.56 -18.50
C HIS B 311 -17.80 -3.91 -18.68
N GLY B 312 -17.52 -4.96 -19.45
CA GLY B 312 -16.15 -5.38 -19.70
C GLY B 312 -15.25 -5.48 -18.49
N GLY B 313 -14.13 -4.75 -18.54
CA GLY B 313 -13.17 -4.76 -17.45
C GLY B 313 -13.23 -3.54 -16.56
N TYR B 314 -14.43 -3.00 -16.35
CA TYR B 314 -14.63 -1.84 -15.49
C TYR B 314 -15.99 -1.94 -14.80
N GLY B 315 -16.40 -3.16 -14.49
CA GLY B 315 -17.68 -3.36 -13.83
C GLY B 315 -17.77 -2.79 -12.42
N LEU B 316 -16.70 -2.97 -11.64
CA LEU B 316 -16.63 -2.46 -10.28
C LEU B 316 -16.38 -0.96 -10.34
N THR B 317 -15.70 -0.56 -11.40
CA THR B 317 -15.36 0.82 -11.65
C THR B 317 -16.57 1.67 -12.08
N ILE B 318 -17.63 1.02 -12.53
CA ILE B 318 -18.82 1.74 -13.01
C ILE B 318 -20.15 1.29 -12.41
N HIS B 319 -20.13 0.30 -11.52
CA HIS B 319 -21.34 -0.23 -10.91
C HIS B 319 -22.37 0.73 -10.30
N TRP B 320 -21.92 1.71 -9.51
CA TRP B 320 -22.86 2.62 -8.87
C TRP B 320 -23.51 3.59 -9.85
N GLY B 321 -22.71 4.11 -10.80
CA GLY B 321 -23.24 5.02 -11.78
C GLY B 321 -24.37 4.36 -12.56
N CYS B 322 -24.08 3.20 -13.15
CA CYS B 322 -25.05 2.46 -13.93
C CYS B 322 -26.31 2.12 -13.12
N ALA B 323 -26.12 1.76 -11.85
CA ALA B 323 -27.22 1.40 -10.95
C ALA B 323 -28.13 2.59 -10.67
N LEU B 324 -27.52 3.76 -10.52
CA LEU B 324 -28.25 4.99 -10.28
C LEU B 324 -29.12 5.27 -11.49
N GLU B 325 -28.58 5.01 -12.68
CA GLU B 325 -29.29 5.22 -13.94
C GLU B 325 -30.51 4.32 -14.11
N VAL B 326 -30.40 3.07 -13.66
CA VAL B 326 -31.50 2.11 -13.73
C VAL B 326 -32.64 2.58 -12.82
N ALA B 327 -32.28 3.10 -11.65
CA ALA B 327 -33.24 3.61 -10.69
C ALA B 327 -33.97 4.81 -11.27
N LYS B 328 -33.27 5.60 -12.07
CA LYS B 328 -33.87 6.76 -12.72
C LYS B 328 -34.92 6.26 -13.72
N LEU B 329 -34.55 5.23 -14.48
CA LEU B 329 -35.43 4.64 -15.48
C LEU B 329 -36.58 3.86 -14.85
N PHE B 330 -36.40 3.48 -13.59
CA PHE B 330 -37.42 2.75 -12.84
C PHE B 330 -38.45 3.75 -12.32
N GLY B 331 -38.02 5.00 -12.13
CA GLY B 331 -38.93 6.02 -11.67
C GLY B 331 -39.92 6.35 -12.76
N LYS B 332 -39.42 6.45 -13.99
CA LYS B 332 -40.25 6.74 -15.17
C LYS B 332 -41.23 5.59 -15.43
N VAL B 333 -40.86 4.38 -15.02
CA VAL B 333 -41.72 3.22 -15.19
C VAL B 333 -42.82 3.36 -14.15
N LEU B 334 -42.47 3.95 -13.01
CA LEU B 334 -43.40 4.15 -11.92
C LEU B 334 -44.39 5.27 -12.20
N GLU B 335 -43.93 6.35 -12.82
CA GLU B 335 -44.81 7.46 -13.10
C GLU B 335 -45.66 7.35 -14.35
N GLU B 336 -45.21 6.58 -15.33
CA GLU B 336 -46.02 6.42 -16.52
C GLU B 336 -47.19 5.50 -16.16
N ARG B 337 -46.98 4.72 -15.10
CA ARG B 337 -47.98 3.80 -14.59
C ARG B 337 -48.86 4.54 -13.58
N ASN B 338 -48.56 5.84 -13.39
CA ASN B 338 -49.28 6.70 -12.45
C ASN B 338 -49.14 6.19 -11.02
N LEU B 339 -48.18 5.29 -10.83
CA LEU B 339 -47.92 4.67 -9.53
C LEU B 339 -47.17 5.52 -8.53
N LEU B 340 -47.01 6.81 -8.84
CA LEU B 340 -46.31 7.74 -7.93
C LEU B 340 -47.13 9.01 -7.67
PA FAD C . 20.15 0.92 18.85
O1A FAD C . 19.48 -0.36 18.56
O2A FAD C . 19.56 1.83 19.64
O5B FAD C . 21.37 0.40 19.64
C5B FAD C . 22.32 -0.58 19.07
C4B FAD C . 23.02 -1.41 20.21
O4B FAD C . 23.76 -0.54 21.13
C3B FAD C . 22.13 -2.22 21.13
O3B FAD C . 21.74 -3.46 20.64
C2B FAD C . 22.91 -2.21 22.44
O2B FAD C . 23.14 -3.49 22.93
C1B FAD C . 24.20 -1.58 22.07
N9A FAD C . 24.91 -0.90 23.16
C8A FAD C . 24.69 0.36 23.64
N7A FAD C . 25.50 0.68 24.65
C5A FAD C . 26.28 -0.43 24.85
C6A FAD C . 27.36 -0.71 25.81
N6A FAD C . 27.80 0.13 26.71
N1A FAD C . 27.92 -1.95 25.69
C2A FAD C . 27.51 -2.84 24.76
N3A FAD C . 26.53 -2.69 23.85
C4A FAD C . 25.94 -1.45 23.93
N1 FAD C . 13.52 5.93 12.42
C2 FAD C . 13.22 5.97 11.13
O2 FAD C . 14.01 6.26 10.30
N3 FAD C . 11.92 5.68 10.65
C4 FAD C . 10.91 5.34 11.51
O4 FAD C . 9.81 5.11 11.07
C4X FAD C . 11.23 5.30 12.92
N5 FAD C . 10.26 4.98 13.79
C5X FAD C . 10.60 4.94 15.12
C6 FAD C . 9.59 4.62 16.03
C7 FAD C . 9.85 4.56 17.37
C7M FAD C . 8.75 4.20 18.34
C8 FAD C . 11.16 4.83 17.87
C8M FAD C . 11.47 4.76 19.34
C9 FAD C . 12.17 5.17 16.97
C9A FAD C . 11.90 5.22 15.61
N10 FAD C . 12.89 5.56 14.67
C10 FAD C . 12.58 5.61 13.35
C1' FAD C . 14.25 5.84 15.19
C2' FAD C . 15.16 4.61 14.99
O2' FAD C . 14.57 3.51 15.67
C3' FAD C . 16.53 4.91 15.57
O3' FAD C . 17.08 6.02 14.90
C4' FAD C . 17.49 3.74 15.38
O4' FAD C . 16.98 2.54 16.04
C5' FAD C . 18.84 4.15 15.99
O5' FAD C . 19.89 2.96 15.85
P FAD C . 20.97 2.77 16.91
O1P FAD C . 20.94 3.68 17.94
O2P FAD C . 22.28 2.81 16.10
O3P FAD C . 20.80 1.49 17.54
N1 2PC D . 10.04 8.39 12.24
C2 2PC D . 9.00 8.21 13.03
C3 2PC D . 7.74 8.09 12.24
C4 2PC D . 8.15 8.39 10.77
C5 2PC D . 9.67 8.70 10.82
C6 2PC D . 9.12 8.18 14.54
O7 2PC D . 10.24 8.54 14.91
O8 2PC D . 8.13 7.80 15.15
PA FAD E . -21.47 -11.14 -13.44
O1A FAD E . -20.94 -11.72 -12.18
O2A FAD E . -20.84 -11.37 -14.60
O5B FAD E . -22.82 -11.88 -13.47
C5B FAD E . -23.74 -11.75 -12.35
C4B FAD E . -24.87 -12.80 -12.40
O4B FAD E . -25.30 -13.12 -13.77
C3B FAD E . -24.56 -14.15 -11.76
O3B FAD E . -24.94 -14.27 -10.43
C2B FAD E . -25.17 -15.13 -12.72
O2B FAD E . -25.83 -16.19 -12.07
C1B FAD E . -26.15 -14.27 -13.43
N9A FAD E . -26.67 -14.80 -14.67
C8A FAD E . -26.16 -14.69 -15.94
N7A FAD E . -26.92 -15.32 -16.84
C5A FAD E . -27.96 -15.86 -16.13
C6A FAD E . -29.13 -16.67 -16.54
N6A FAD E . -29.39 -17.03 -17.77
N1A FAD E . -29.96 -17.02 -15.51
C2A FAD E . -29.73 -16.68 -14.21
N3A FAD E . -28.70 -15.95 -13.76
C4A FAD E . -27.84 -15.56 -14.75
N1 FAD E . -13.43 -4.84 -13.34
C2 FAD E . -13.02 -3.79 -12.64
O2 FAD E . -13.69 -2.81 -12.52
N3 FAD E . -11.76 -3.76 -11.99
C4 FAD E . -10.89 -4.82 -12.06
O4 FAD E . -9.82 -4.75 -11.49
C4X FAD E . -11.33 -5.97 -12.84
N5 FAD E . -10.53 -7.05 -12.96
C5X FAD E . -10.99 -8.10 -13.69
C6 FAD E . -10.15 -9.22 -13.81
C7 FAD E . -10.54 -10.31 -14.52
C7M FAD E . -9.62 -11.50 -14.64
C8 FAD E . -11.84 -10.34 -15.16
C8M FAD E . -12.31 -11.54 -15.95
C9 FAD E . -12.67 -9.24 -15.04
C9A FAD E . -12.26 -8.13 -14.32
N10 FAD E . -13.07 -7.00 -14.18
C10 FAD E . -12.64 -5.94 -13.46
C1' FAD E . -14.39 -7.01 -14.83
C2' FAD E . -15.53 -7.18 -13.79
O2' FAD E . -15.31 -8.38 -13.10
C3' FAD E . -16.86 -7.20 -14.52
O3' FAD E . -17.04 -5.97 -15.22
C4' FAD E . -18.02 -7.37 -13.54
O4' FAD E . -17.89 -8.59 -12.77
C5' FAD E . -19.32 -7.39 -14.34
O5' FAD E . -20.55 -7.57 -13.34
P FAD E . -21.82 -8.31 -13.77
O1P FAD E . -21.93 -8.53 -15.13
O2P FAD E . -22.91 -7.43 -13.17
O3P FAD E . -21.88 -9.63 -13.16
N1 2PC F . -9.55 -3.88 -14.50
C2 2PC F . -8.60 -4.69 -14.92
C3 2PC F . -7.25 -4.19 -14.53
C4 2PC F . -7.50 -2.76 -14.03
C5 2PC F . -9.02 -2.66 -13.81
C6 2PC F . -8.89 -5.95 -15.69
O7 2PC F . -10.11 -6.10 -15.87
O8 2PC F . -7.91 -6.59 -16.01
#